data_3ZIU
#
_entry.id   3ZIU
#
_cell.length_a   202.851
_cell.length_b   202.851
_cell.length_c   213.922
_cell.angle_alpha   90.00
_cell.angle_beta   90.00
_cell.angle_gamma   120.00
#
_symmetry.space_group_name_H-M   'H 3 2'
#
loop_
_entity.id
_entity.type
_entity.pdbx_description
1 polymer 'LEUCYL-TRNA SYNTHETASE'
2 non-polymer "5'-O-(L-leucylsulfamoyl)adenosine"
3 non-polymer GLYCEROL
4 water water
#
_entity_poly.entity_id   1
_entity_poly.type   'polypeptide(L)'
_entity_poly.pdbx_seq_one_letter_code
;LVPRGSHMYNHNEIEKKWQTRWEKTKAFKTTNKSKDKFYALDMFPYPSGSGLHVGHPEGYTATDIISRYKRLKGFDVLHP
IGWDAFGLPAEQYALSSGKHPQPFTLKNIENFRRQLKSLGFSFDYEKEVNTTDPSYYRWTQWIFKQIYKKGLAEIREVDV
NWCPGLGTVLANEEIVENDKGEMVSERGSFPVYKKPMKQWVLKITNYADRLLEDLNLLDWPDSLKKLQTNWIGKEEIDGK
ITYKLQDWIFARQRYWGEPFPVYFDEDNNVYLIDELVELPHMENIMPSGTGEGPLATNTEWVQYKKNNKIFKRDTNTMPQ
WAGSCWYYLAYIMKQEDGTYLPIDSKKAYEAFSKWLPVDLYIGGQEHAVLHLLYARFWHKILYDLKIVPTKEPFQKLINQ
GMILGKDGQKMSKSLGNVVNPDEIIQNFGADTLRVYEMFMGPLTDTKKWNESTVEATYKWILRVKRIFQIFIEDKSKINS
LHKDDQFISEHNLLIKEITQDIEDLKFNIMISKLMIFVNSLYKKEKIYSLKPLKDFAIMFSTIAPHISEELLESLGEKEI
MFQSWPTYENNKILLTKDIVAIQVNGKLRETFEIENDWDEKRVIEEAKKLPNVKKHLENKIIKKEIYIAKKILNFII
;
_entity_poly.pdbx_strand_id   A,B
#
loop_
_chem_comp.id
_chem_comp.type
_chem_comp.name
_chem_comp.formula
GOL non-polymer GLYCEROL 'C3 H8 O3'
LSS non-polymer 5'-O-(L-leucylsulfamoyl)adenosine 'C16 H25 N7 O7 S'
#
# COMPACT_ATOMS: atom_id res chain seq x y z
N LEU A 1 -19.74 25.48 8.54
CA LEU A 1 -18.99 26.25 7.51
C LEU A 1 -17.71 25.50 7.06
N VAL A 2 -17.74 25.00 5.83
CA VAL A 2 -16.60 24.37 5.17
C VAL A 2 -15.57 25.46 4.72
N PRO A 3 -14.29 25.28 5.08
CA PRO A 3 -13.26 26.25 4.64
C PRO A 3 -13.20 26.45 3.12
N ARG A 4 -13.28 27.70 2.68
CA ARG A 4 -13.03 28.04 1.27
C ARG A 4 -12.33 29.40 1.13
N GLY A 5 -11.72 29.59 -0.04
CA GLY A 5 -11.13 30.87 -0.46
C GLY A 5 -10.08 31.34 0.54
N SER A 6 -10.27 32.55 1.07
CA SER A 6 -9.29 33.14 1.98
C SER A 6 -9.34 32.49 3.38
N HIS A 7 -10.29 31.59 3.59
CA HIS A 7 -10.38 30.85 4.85
C HIS A 7 -9.94 29.41 4.71
N MET A 8 -9.19 29.09 3.67
CA MET A 8 -8.74 27.72 3.46
C MET A 8 -7.29 27.69 3.03
N TYR A 9 -6.62 26.54 3.24
CA TYR A 9 -5.35 26.24 2.61
C TYR A 9 -5.59 24.93 1.89
N ASN A 10 -4.63 24.47 1.11
CA ASN A 10 -4.78 23.31 0.25
C ASN A 10 -4.55 21.99 0.99
N HIS A 11 -5.35 21.75 2.04
CA HIS A 11 -5.15 20.57 2.88
C HIS A 11 -5.26 19.28 2.13
N ASN A 12 -6.22 19.14 1.21
CA ASN A 12 -6.42 17.88 0.45
CA ASN A 12 -6.34 17.83 0.56
C ASN A 12 -5.13 17.54 -0.31
N GLU A 13 -4.64 18.53 -1.03
CA GLU A 13 -3.47 18.31 -1.88
C GLU A 13 -2.20 18.00 -1.04
N ILE A 14 -1.98 18.79 0.01
CA ILE A 14 -0.84 18.56 0.89
C ILE A 14 -0.91 17.16 1.52
N GLU A 15 -2.08 16.78 2.01
CA GLU A 15 -2.20 15.47 2.70
C GLU A 15 -1.93 14.30 1.73
N LYS A 16 -2.49 14.36 0.52
CA LYS A 16 -2.26 13.31 -0.51
C LYS A 16 -0.82 13.25 -0.93
N LYS A 17 -0.20 14.41 -1.11
CA LYS A 17 1.24 14.49 -1.44
C LYS A 17 2.09 13.75 -0.44
N TRP A 18 1.90 14.06 0.84
CA TRP A 18 2.75 13.49 1.88
C TRP A 18 2.45 12.03 2.14
N GLN A 19 1.18 11.65 2.07
CA GLN A 19 0.81 10.23 2.15
C GLN A 19 1.53 9.41 1.08
N THR A 20 1.56 9.94 -0.14
CA THR A 20 2.24 9.29 -1.25
C THR A 20 3.75 9.21 -1.00
N ARG A 21 4.33 10.30 -0.52
CA ARG A 21 5.76 10.29 -0.25
C ARG A 21 6.10 9.29 0.85
N TRP A 22 5.27 9.20 1.91
CA TRP A 22 5.59 8.28 3.01
C TRP A 22 5.55 6.85 2.53
N GLU A 23 4.64 6.55 1.61
CA GLU A 23 4.57 5.20 1.02
C GLU A 23 5.79 4.90 0.13
N LYS A 24 6.21 5.85 -0.71
CA LYS A 24 7.36 5.60 -1.60
C LYS A 24 8.65 5.45 -0.81
N THR A 25 8.82 6.22 0.24
CA THR A 25 10.08 6.26 1.01
C THR A 25 10.07 5.26 2.15
N LYS A 26 8.98 4.51 2.30
CA LYS A 26 8.87 3.54 3.39
C LYS A 26 9.10 4.18 4.78
N ALA A 27 8.64 5.42 4.94
CA ALA A 27 8.88 6.20 6.16
C ALA A 27 8.58 5.48 7.46
N PHE A 28 7.57 4.62 7.49
CA PHE A 28 7.14 4.00 8.77
C PHE A 28 7.60 2.57 8.98
N LYS A 29 8.45 2.07 8.07
CA LYS A 29 8.91 0.71 8.16
C LYS A 29 9.54 0.49 9.54
N THR A 30 9.31 -0.67 10.13
CA THR A 30 9.89 -0.99 11.43
C THR A 30 11.39 -1.21 11.25
N THR A 31 12.22 -0.40 11.90
CA THR A 31 13.68 -0.51 11.71
C THR A 31 14.26 -1.41 12.77
N ASN A 32 15.55 -1.72 12.62
CA ASN A 32 16.29 -2.49 13.61
C ASN A 32 17.71 -1.96 13.67
N LYS A 33 17.84 -0.65 13.85
CA LYS A 33 19.14 0.02 13.90
C LYS A 33 19.50 0.51 15.32
N SER A 34 18.77 0.07 16.34
CA SER A 34 18.95 0.59 17.69
C SER A 34 18.74 -0.47 18.72
N LYS A 35 19.25 -0.24 19.92
CA LYS A 35 18.98 -1.14 21.04
C LYS A 35 17.76 -0.63 21.77
N ASP A 36 17.28 0.56 21.42
CA ASP A 36 16.10 1.13 22.06
C ASP A 36 14.88 0.74 21.22
N LYS A 37 13.93 0.05 21.85
CA LYS A 37 12.72 -0.44 21.18
C LYS A 37 11.51 0.19 21.82
N PHE A 38 10.51 0.49 21.02
CA PHE A 38 9.22 0.90 21.59
C PHE A 38 8.06 0.28 20.77
N TYR A 39 7.18 -0.42 21.47
CA TYR A 39 6.03 -1.09 20.89
C TYR A 39 4.82 -0.31 21.36
N ALA A 40 4.30 0.53 20.47
CA ALA A 40 3.11 1.31 20.69
C ALA A 40 1.92 0.73 19.89
N LEU A 41 0.90 0.28 20.59
CA LEU A 41 -0.15 -0.55 20.00
C LEU A 41 -1.51 0.03 20.23
N ASP A 42 -2.26 0.10 19.12
CA ASP A 42 -3.70 0.36 19.12
C ASP A 42 -4.52 -0.90 19.13
N MET A 43 -5.68 -0.86 19.78
CA MET A 43 -6.62 -1.96 19.64
C MET A 43 -7.11 -1.96 18.21
N PHE A 44 -6.77 -3.03 17.49
CA PHE A 44 -7.16 -3.17 16.11
C PHE A 44 -8.69 -3.24 15.92
N PRO A 45 -9.18 -2.72 14.78
CA PRO A 45 -10.62 -2.56 14.66
C PRO A 45 -11.34 -3.78 14.08
N TYR A 46 -12.60 -3.94 14.41
CA TYR A 46 -13.47 -4.86 13.67
C TYR A 46 -13.94 -4.21 12.38
N PRO A 47 -13.92 -4.94 11.27
CA PRO A 47 -14.60 -4.45 10.08
C PRO A 47 -16.09 -4.80 10.17
N SER A 48 -16.80 -4.11 11.04
CA SER A 48 -18.17 -4.41 11.36
C SER A 48 -19.07 -3.25 10.95
N GLY A 49 -18.59 -2.41 10.02
CA GLY A 49 -19.38 -1.41 9.36
C GLY A 49 -18.73 -1.10 8.03
N SER A 50 -19.29 -0.11 7.32
CA SER A 50 -18.73 0.26 6.02
C SER A 50 -17.42 1.03 6.23
N GLY A 51 -17.24 1.61 7.41
CA GLY A 51 -15.99 2.30 7.68
C GLY A 51 -15.85 2.73 9.12
N LEU A 52 -14.78 3.42 9.41
CA LEU A 52 -14.61 3.99 10.75
C LEU A 52 -15.58 5.14 11.00
N HIS A 53 -15.81 5.50 12.27
CA HIS A 53 -16.37 6.81 12.59
C HIS A 53 -15.31 7.59 13.31
N VAL A 54 -15.57 8.87 13.61
CA VAL A 54 -14.55 9.77 14.14
C VAL A 54 -14.10 9.41 15.54
N GLY A 55 -14.84 8.53 16.21
CA GLY A 55 -14.39 8.02 17.50
C GLY A 55 -13.12 7.16 17.42
N HIS A 56 -13.07 6.26 16.45
CA HIS A 56 -11.94 5.34 16.28
C HIS A 56 -10.56 5.99 16.27
N PRO A 57 -10.37 7.10 15.55
CA PRO A 57 -9.03 7.70 15.46
C PRO A 57 -8.49 8.34 16.71
N GLU A 58 -9.31 8.48 17.75
CA GLU A 58 -8.86 9.22 18.90
C GLU A 58 -7.67 8.52 19.58
N GLY A 59 -7.87 7.27 19.94
CA GLY A 59 -6.79 6.48 20.50
C GLY A 59 -5.66 6.27 19.51
N TYR A 60 -5.99 6.13 18.23
CA TYR A 60 -4.98 5.93 17.21
C TYR A 60 -4.10 7.18 17.04
N THR A 61 -4.68 8.37 17.19
CA THR A 61 -3.88 9.60 17.20
C THR A 61 -2.87 9.66 18.35
N ALA A 62 -3.35 9.30 19.54
CA ALA A 62 -2.54 9.28 20.78
C ALA A 62 -1.33 8.36 20.64
N THR A 63 -1.52 7.10 20.22
CA THR A 63 -0.38 6.24 20.00
C THR A 63 0.49 6.66 18.81
N ASP A 64 -0.10 7.31 17.80
CA ASP A 64 0.69 7.82 16.72
C ASP A 64 1.68 8.93 17.14
N ILE A 65 1.24 9.81 18.03
CA ILE A 65 2.06 10.91 18.56
C ILE A 65 3.28 10.31 19.27
N ILE A 66 3.02 9.33 20.14
CA ILE A 66 4.13 8.66 20.87
C ILE A 66 5.04 7.90 19.94
N SER A 67 4.48 7.17 18.99
CA SER A 67 5.27 6.45 18.00
C SER A 67 6.19 7.36 17.19
N ARG A 68 5.63 8.46 16.71
CA ARG A 68 6.36 9.46 15.94
C ARG A 68 7.49 10.14 16.76
N TYR A 69 7.15 10.51 17.98
CA TYR A 69 8.09 11.04 18.94
C TYR A 69 9.25 10.04 19.15
N LYS A 70 8.90 8.77 19.37
CA LYS A 70 9.93 7.74 19.60
C LYS A 70 10.90 7.55 18.43
N ARG A 71 10.38 7.55 17.20
CA ARG A 71 11.21 7.49 16.01
C ARG A 71 12.20 8.69 15.98
N LEU A 72 11.69 9.86 16.36
CA LEU A 72 12.51 11.07 16.37
C LEU A 72 13.57 11.04 17.50
N LYS A 73 13.31 10.25 18.54
CA LYS A 73 14.27 10.04 19.60
C LYS A 73 15.17 8.82 19.26
N GLY A 74 15.07 8.30 18.04
CA GLY A 74 16.00 7.27 17.56
C GLY A 74 15.63 5.83 17.91
N PHE A 75 14.45 5.61 18.51
CA PHE A 75 13.97 4.24 18.75
C PHE A 75 13.60 3.48 17.50
N ASP A 76 13.77 2.17 17.53
CA ASP A 76 13.07 1.32 16.59
C ASP A 76 11.63 1.21 17.12
N VAL A 77 10.66 1.47 16.28
CA VAL A 77 9.26 1.52 16.70
C VAL A 77 8.42 0.48 15.96
N LEU A 78 7.73 -0.37 16.74
CA LEU A 78 6.70 -1.28 16.21
C LEU A 78 5.35 -0.61 16.50
N HIS A 79 4.66 -0.29 15.42
CA HIS A 79 3.37 0.40 15.52
C HIS A 79 2.48 -0.09 14.40
N PRO A 80 1.75 -1.18 14.66
CA PRO A 80 1.10 -1.88 13.56
C PRO A 80 -0.41 -1.86 13.65
N ILE A 81 -1.08 -2.16 12.53
CA ILE A 81 -2.53 -2.24 12.44
C ILE A 81 -2.90 -3.53 11.74
N GLY A 82 -4.15 -3.90 11.90
CA GLY A 82 -4.62 -5.17 11.43
C GLY A 82 -6.11 -5.28 11.62
N TRP A 83 -6.66 -6.47 11.32
CA TRP A 83 -8.14 -6.63 11.22
C TRP A 83 -8.64 -7.72 12.12
N ASP A 84 -9.47 -7.32 13.09
CA ASP A 84 -10.13 -8.23 14.02
C ASP A 84 -11.46 -8.69 13.37
N ALA A 85 -11.34 -9.73 12.58
CA ALA A 85 -12.28 -9.94 11.47
C ALA A 85 -13.11 -11.19 11.56
N PHE A 86 -12.92 -11.99 12.62
CA PHE A 86 -13.72 -13.20 12.82
C PHE A 86 -14.76 -12.95 13.90
N GLY A 87 -15.70 -13.88 13.99
CA GLY A 87 -16.65 -13.82 15.08
C GLY A 87 -17.75 -12.84 14.79
N LEU A 88 -18.51 -12.51 15.82
CA LEU A 88 -19.78 -11.84 15.60
C LEU A 88 -19.73 -10.45 14.95
N PRO A 89 -18.73 -9.61 15.28
CA PRO A 89 -18.86 -8.27 14.77
C PRO A 89 -18.87 -8.23 13.23
N ALA A 90 -17.89 -8.89 12.60
CA ALA A 90 -17.85 -8.98 11.15
C ALA A 90 -19.04 -9.78 10.61
N GLU A 91 -19.37 -10.89 11.25
CA GLU A 91 -20.44 -11.75 10.73
C GLU A 91 -21.81 -11.05 10.74
N GLN A 92 -22.14 -10.44 11.85
CA GLN A 92 -23.43 -9.73 11.99
C GLN A 92 -23.55 -8.59 10.95
N TYR A 93 -22.48 -7.87 10.67
CA TYR A 93 -22.59 -6.84 9.66
C TYR A 93 -22.83 -7.45 8.23
N ALA A 94 -22.19 -8.57 7.95
CA ALA A 94 -22.42 -9.29 6.72
C ALA A 94 -23.89 -9.78 6.63
N LEU A 95 -24.34 -10.49 7.66
CA LEU A 95 -25.70 -11.03 7.65
C LEU A 95 -26.74 -9.94 7.54
N SER A 96 -26.55 -8.84 8.25
CA SER A 96 -27.53 -7.81 8.25
C SER A 96 -27.49 -7.04 6.94
N SER A 97 -26.40 -7.15 6.19
CA SER A 97 -26.34 -6.58 4.86
C SER A 97 -26.73 -7.54 3.72
N GLY A 98 -27.13 -8.78 4.04
CA GLY A 98 -27.39 -9.79 3.01
C GLY A 98 -26.16 -10.21 2.20
N LYS A 99 -24.97 -10.21 2.81
CA LYS A 99 -23.72 -10.53 2.13
C LYS A 99 -23.04 -11.69 2.81
N HIS A 100 -22.12 -12.35 2.11
CA HIS A 100 -21.36 -13.46 2.68
C HIS A 100 -20.15 -12.87 3.34
N PRO A 101 -19.82 -13.34 4.56
CA PRO A 101 -18.79 -12.65 5.29
C PRO A 101 -17.42 -12.70 4.65
N GLN A 102 -17.14 -13.67 3.81
CA GLN A 102 -15.81 -13.78 3.19
C GLN A 102 -15.49 -12.60 2.23
N PRO A 103 -16.27 -12.43 1.16
CA PRO A 103 -16.02 -11.27 0.31
C PRO A 103 -16.31 -9.90 0.97
N PHE A 104 -17.40 -9.82 1.76
CA PHE A 104 -17.78 -8.56 2.35
C PHE A 104 -16.69 -8.06 3.33
N THR A 105 -16.15 -8.97 4.14
CA THR A 105 -15.12 -8.56 5.09
C THR A 105 -13.92 -7.97 4.35
N LEU A 106 -13.47 -8.62 3.27
CA LEU A 106 -12.37 -8.15 2.44
C LEU A 106 -12.64 -6.75 1.87
N LYS A 107 -13.84 -6.59 1.34
CA LYS A 107 -14.28 -5.33 0.80
C LYS A 107 -14.26 -4.22 1.88
N ASN A 108 -14.82 -4.50 3.07
CA ASN A 108 -14.79 -3.47 4.11
C ASN A 108 -13.39 -3.15 4.66
N ILE A 109 -12.54 -4.17 4.75
CA ILE A 109 -11.20 -3.96 5.18
C ILE A 109 -10.49 -2.97 4.23
N GLU A 110 -10.70 -3.11 2.92
CA GLU A 110 -10.11 -2.17 1.95
C GLU A 110 -10.45 -0.75 2.24
N ASN A 111 -11.71 -0.51 2.58
CA ASN A 111 -12.17 0.83 2.92
C ASN A 111 -11.56 1.36 4.23
N PHE A 112 -11.53 0.53 5.27
CA PHE A 112 -10.89 0.89 6.53
C PHE A 112 -9.44 1.27 6.30
N ARG A 113 -8.72 0.44 5.55
CA ARG A 113 -7.33 0.71 5.27
C ARG A 113 -7.17 2.07 4.55
N ARG A 114 -7.97 2.33 3.52
CA ARG A 114 -7.98 3.62 2.84
C ARG A 114 -8.18 4.78 3.84
N GLN A 115 -9.16 4.63 4.73
CA GLN A 115 -9.41 5.65 5.76
C GLN A 115 -8.22 5.90 6.68
N LEU A 116 -7.64 4.82 7.15
CA LEU A 116 -6.49 4.91 8.00
C LEU A 116 -5.31 5.59 7.29
N LYS A 117 -5.06 5.24 6.03
CA LYS A 117 -3.99 5.89 5.27
C LYS A 117 -4.28 7.38 5.12
N SER A 118 -5.55 7.73 4.98
CA SER A 118 -5.95 9.13 4.83
C SER A 118 -5.76 9.93 6.08
N LEU A 119 -5.50 9.27 7.20
CA LEU A 119 -5.29 9.95 8.43
C LEU A 119 -3.79 10.07 8.78
N GLY A 120 -2.94 9.39 8.01
CA GLY A 120 -1.52 9.52 8.16
C GLY A 120 -0.92 8.86 9.39
N PHE A 121 -1.60 7.82 9.91
CA PHE A 121 -1.06 7.08 11.04
C PHE A 121 0.18 6.36 10.56
N SER A 122 1.22 6.34 11.38
CA SER A 122 2.52 5.80 10.98
C SER A 122 2.58 4.28 11.14
N PHE A 123 1.62 3.58 10.52
CA PHE A 123 1.62 2.15 10.58
C PHE A 123 2.61 1.61 9.53
N ASP A 124 3.29 0.52 9.86
CA ASP A 124 4.01 -0.32 8.91
C ASP A 124 3.04 -1.36 8.37
N TYR A 125 2.46 -1.05 7.22
CA TYR A 125 1.46 -1.88 6.61
C TYR A 125 1.95 -3.28 6.23
N GLU A 126 3.27 -3.46 6.13
CA GLU A 126 3.86 -4.79 5.98
C GLU A 126 3.65 -5.72 7.18
N LYS A 127 3.32 -5.16 8.33
CA LYS A 127 3.02 -5.94 9.52
C LYS A 127 1.53 -6.27 9.66
N GLU A 128 0.68 -5.95 8.69
CA GLU A 128 -0.75 -6.25 8.83
C GLU A 128 -1.01 -7.69 9.19
N VAL A 129 -1.97 -7.91 10.07
CA VAL A 129 -2.52 -9.24 10.32
C VAL A 129 -4.03 -9.19 10.05
N ASN A 130 -4.58 -10.32 9.69
CA ASN A 130 -6.01 -10.50 9.49
C ASN A 130 -6.37 -11.82 10.20
N THR A 131 -7.26 -11.76 11.18
CA THR A 131 -7.52 -12.93 12.01
C THR A 131 -8.23 -14.05 11.23
N THR A 132 -8.78 -13.72 10.04
CA THR A 132 -9.41 -14.70 9.16
C THR A 132 -8.51 -15.34 8.12
N ASP A 133 -7.27 -14.86 7.96
N ASP A 133 -7.27 -14.89 8.02
CA ASP A 133 -6.34 -15.49 7.02
CA ASP A 133 -6.34 -15.47 7.07
C ASP A 133 -5.96 -16.84 7.61
C ASP A 133 -5.89 -16.83 7.60
N PRO A 134 -6.06 -17.91 6.79
CA PRO A 134 -5.69 -19.24 7.24
C PRO A 134 -4.26 -19.30 7.79
N SER A 135 -3.34 -18.51 7.24
CA SER A 135 -1.96 -18.55 7.79
C SER A 135 -1.89 -17.96 9.20
N TYR A 136 -2.87 -17.12 9.55
CA TYR A 136 -2.99 -16.59 10.88
C TYR A 136 -3.67 -17.57 11.82
N TYR A 137 -4.88 -18.00 11.45
CA TYR A 137 -5.64 -18.83 12.36
C TYR A 137 -5.15 -20.26 12.51
N ARG A 138 -4.24 -20.68 11.64
CA ARG A 138 -3.41 -21.84 11.89
C ARG A 138 -2.85 -21.74 13.28
N TRP A 139 -2.32 -20.57 13.64
CA TRP A 139 -1.72 -20.40 14.95
C TRP A 139 -2.73 -20.24 16.06
N THR A 140 -3.89 -19.67 15.76
CA THR A 140 -4.93 -19.56 16.78
C THR A 140 -5.32 -20.97 17.21
N GLN A 141 -5.42 -21.83 16.22
CA GLN A 141 -5.78 -23.24 16.46
C GLN A 141 -4.66 -23.96 17.21
N TRP A 142 -3.42 -23.72 16.82
CA TRP A 142 -2.26 -24.25 17.56
C TRP A 142 -2.29 -23.91 19.02
N ILE A 143 -2.52 -22.63 19.34
CA ILE A 143 -2.61 -22.18 20.71
C ILE A 143 -3.72 -22.93 21.44
N PHE A 144 -4.94 -22.95 20.90
CA PHE A 144 -6.04 -23.72 21.51
C PHE A 144 -5.58 -25.15 21.83
N LYS A 145 -4.86 -25.77 20.90
CA LYS A 145 -4.45 -27.17 21.10
C LYS A 145 -3.46 -27.31 22.27
N GLN A 146 -2.56 -26.33 22.38
CA GLN A 146 -1.62 -26.36 23.47
C GLN A 146 -2.35 -26.13 24.75
N ILE A 147 -3.40 -25.28 24.74
CA ILE A 147 -4.24 -25.07 25.93
C ILE A 147 -4.91 -26.40 26.36
N TYR A 148 -5.43 -27.12 25.37
CA TYR A 148 -6.01 -28.45 25.58
C TYR A 148 -5.00 -29.42 26.22
N LYS A 149 -3.82 -29.55 25.59
CA LYS A 149 -2.79 -30.49 26.05
C LYS A 149 -2.29 -30.15 27.44
N LYS A 150 -2.39 -28.91 27.84
CA LYS A 150 -2.10 -28.53 29.20
C LYS A 150 -3.21 -28.86 30.19
N GLY A 151 -4.30 -29.44 29.73
CA GLY A 151 -5.42 -29.70 30.64
C GLY A 151 -6.34 -28.49 30.85
N LEU A 152 -6.28 -27.47 29.99
CA LEU A 152 -7.01 -26.23 30.30
C LEU A 152 -8.21 -25.96 29.38
N ALA A 153 -8.55 -26.93 28.54
CA ALA A 153 -9.74 -26.88 27.69
C ALA A 153 -10.49 -28.16 27.86
N GLU A 154 -11.78 -28.10 28.16
CA GLU A 154 -12.57 -29.31 28.11
C GLU A 154 -14.03 -29.05 27.88
N ILE A 155 -14.73 -30.09 27.44
CA ILE A 155 -16.16 -30.01 27.24
C ILE A 155 -16.82 -30.46 28.53
N ARG A 156 -17.58 -29.61 29.18
CA ARG A 156 -18.37 -30.12 30.27
C ARG A 156 -19.68 -29.43 30.42
N GLU A 157 -20.53 -29.98 31.28
CA GLU A 157 -21.83 -29.40 31.47
C GLU A 157 -21.70 -28.21 32.39
N VAL A 158 -22.10 -27.04 31.89
CA VAL A 158 -22.04 -25.84 32.72
C VAL A 158 -23.31 -25.08 32.48
N ASP A 159 -23.57 -24.11 33.34
CA ASP A 159 -24.66 -23.19 33.10
C ASP A 159 -24.23 -22.12 32.10
N VAL A 160 -24.75 -22.19 30.89
CA VAL A 160 -24.36 -21.23 29.84
C VAL A 160 -25.40 -20.14 29.71
N ASN A 161 -25.02 -19.05 29.06
CA ASN A 161 -25.98 -18.01 28.69
C ASN A 161 -26.46 -18.33 27.31
N TRP A 162 -27.69 -18.85 27.20
CA TRP A 162 -28.25 -19.13 25.89
C TRP A 162 -28.88 -17.85 25.35
N CYS A 163 -28.55 -17.52 24.11
CA CYS A 163 -29.04 -16.31 23.43
C CYS A 163 -29.89 -16.70 22.18
N PRO A 164 -31.22 -16.76 22.36
CA PRO A 164 -32.04 -17.21 21.23
C PRO A 164 -31.87 -16.31 20.01
N GLY A 165 -31.76 -15.00 20.23
CA GLY A 165 -31.64 -14.06 19.12
C GLY A 165 -30.40 -14.28 18.28
N LEU A 166 -29.33 -14.83 18.86
CA LEU A 166 -28.10 -15.08 18.11
C LEU A 166 -27.93 -16.55 17.76
N GLY A 167 -28.76 -17.43 18.32
CA GLY A 167 -28.60 -18.84 18.03
C GLY A 167 -27.35 -19.47 18.67
N THR A 168 -26.88 -18.89 19.77
CA THR A 168 -25.64 -19.37 20.35
C THR A 168 -25.57 -19.16 21.85
N VAL A 169 -24.69 -19.94 22.48
CA VAL A 169 -24.22 -19.63 23.80
C VAL A 169 -23.28 -18.43 23.73
N LEU A 170 -23.22 -17.70 24.84
CA LEU A 170 -22.28 -16.60 25.07
C LEU A 170 -21.62 -16.81 26.43
N ALA A 171 -20.43 -16.24 26.61
CA ALA A 171 -19.70 -16.27 27.88
C ALA A 171 -20.30 -15.27 28.83
N ASN A 172 -20.02 -15.48 30.11
CA ASN A 172 -20.52 -14.58 31.16
C ASN A 172 -20.03 -13.15 30.96
N GLU A 173 -18.84 -13.00 30.42
CA GLU A 173 -18.22 -11.66 30.26
C GLU A 173 -18.95 -10.85 29.13
N GLU A 174 -19.71 -11.56 28.30
CA GLU A 174 -20.40 -11.01 27.09
C GLU A 174 -21.84 -10.62 27.42
N ILE A 175 -22.17 -10.70 28.71
CA ILE A 175 -23.54 -10.45 29.20
C ILE A 175 -23.49 -9.26 30.15
N VAL A 176 -24.50 -8.40 30.11
CA VAL A 176 -24.65 -7.26 31.00
C VAL A 176 -26.12 -7.21 31.47
N GLU A 177 -26.35 -6.50 32.54
CA GLU A 177 -27.66 -6.38 33.12
C GLU A 177 -28.23 -5.04 32.72
N ASN A 178 -29.47 -5.00 32.25
CA ASN A 178 -30.03 -3.71 31.81
C ASN A 178 -30.67 -2.96 32.99
N ASP A 179 -31.28 -1.82 32.69
CA ASP A 179 -31.92 -1.00 33.73
C ASP A 179 -32.97 -1.71 34.58
N LYS A 180 -33.65 -2.68 33.98
CA LYS A 180 -34.63 -3.45 34.71
C LYS A 180 -34.05 -4.71 35.32
N GLY A 181 -32.74 -4.88 35.32
CA GLY A 181 -32.15 -6.05 35.97
C GLY A 181 -32.13 -7.28 35.12
N GLU A 182 -32.40 -7.15 33.82
CA GLU A 182 -32.47 -8.29 32.93
C GLU A 182 -31.12 -8.50 32.28
N MET A 183 -30.80 -9.74 31.96
CA MET A 183 -29.54 -10.06 31.30
C MET A 183 -29.65 -10.04 29.78
N VAL A 184 -28.77 -9.28 29.15
CA VAL A 184 -28.72 -9.18 27.71
C VAL A 184 -27.25 -9.24 27.19
N SER A 185 -27.08 -9.56 25.91
CA SER A 185 -25.76 -9.57 25.29
C SER A 185 -25.21 -8.15 25.26
N GLU A 186 -23.94 -8.01 25.67
CA GLU A 186 -23.22 -6.75 25.58
C GLU A 186 -23.24 -6.19 24.17
N ARG A 187 -23.13 -7.07 23.19
CA ARG A 187 -23.28 -6.70 21.79
C ARG A 187 -24.68 -7.09 21.30
N GLY A 188 -25.48 -6.07 20.97
CA GLY A 188 -26.82 -6.26 20.38
C GLY A 188 -27.93 -6.18 21.40
N SER A 189 -27.62 -6.33 22.69
CA SER A 189 -28.62 -6.31 23.73
C SER A 189 -29.73 -7.33 23.50
N PHE A 190 -29.34 -8.52 23.06
CA PHE A 190 -30.27 -9.64 22.92
C PHE A 190 -30.46 -10.31 24.28
N PRO A 191 -31.71 -10.60 24.64
CA PRO A 191 -32.02 -11.33 25.87
C PRO A 191 -31.33 -12.67 25.95
N VAL A 192 -30.90 -13.05 27.15
CA VAL A 192 -30.30 -14.37 27.39
C VAL A 192 -30.87 -14.95 28.67
N TYR A 193 -30.67 -16.24 28.86
CA TYR A 193 -30.98 -16.90 30.11
C TYR A 193 -30.06 -18.07 30.33
N LYS A 194 -29.97 -18.54 31.57
CA LYS A 194 -29.07 -19.65 31.95
C LYS A 194 -29.67 -20.96 31.58
N LYS A 195 -28.82 -21.89 31.20
CA LYS A 195 -29.26 -23.19 30.75
C LYS A 195 -28.10 -24.14 30.89
N PRO A 196 -28.32 -25.35 31.43
CA PRO A 196 -27.20 -26.32 31.48
C PRO A 196 -26.94 -26.93 30.13
N MET A 197 -25.72 -26.82 29.60
CA MET A 197 -25.38 -27.43 28.32
C MET A 197 -23.95 -27.90 28.39
N LYS A 198 -23.66 -28.94 27.62
CA LYS A 198 -22.29 -29.39 27.45
C LYS A 198 -21.61 -28.54 26.42
N GLN A 199 -20.58 -27.81 26.84
CA GLN A 199 -19.88 -26.88 25.96
C GLN A 199 -18.39 -26.84 26.30
N TRP A 200 -17.57 -26.53 25.31
CA TRP A 200 -16.17 -26.15 25.53
C TRP A 200 -16.01 -25.01 26.48
N VAL A 201 -15.16 -25.23 27.50
CA VAL A 201 -14.75 -24.17 28.42
C VAL A 201 -13.22 -24.14 28.46
N LEU A 202 -12.66 -22.94 28.62
CA LEU A 202 -11.26 -22.77 28.94
C LEU A 202 -11.15 -22.46 30.44
N LYS A 203 -10.18 -23.11 31.07
CA LYS A 203 -10.04 -23.10 32.52
C LYS A 203 -9.32 -21.85 33.04
N ILE A 204 -9.98 -20.71 32.86
CA ILE A 204 -9.46 -19.44 33.32
C ILE A 204 -9.44 -19.36 34.87
N THR A 205 -10.36 -20.02 35.56
CA THR A 205 -10.34 -20.02 37.03
C THR A 205 -9.02 -20.56 37.61
N ASN A 206 -8.39 -21.49 36.91
CA ASN A 206 -7.08 -22.02 37.30
C ASN A 206 -6.02 -20.93 37.25
N TYR A 207 -6.25 -19.83 36.51
CA TYR A 207 -5.28 -18.74 36.48
C TYR A 207 -5.75 -17.53 37.27
N ALA A 208 -6.86 -17.67 37.98
CA ALA A 208 -7.48 -16.53 38.62
C ALA A 208 -6.55 -15.83 39.62
N ASP A 209 -5.82 -16.61 40.44
CA ASP A 209 -4.97 -16.01 41.45
C ASP A 209 -3.83 -15.25 40.82
N ARG A 210 -3.24 -15.82 39.81
CA ARG A 210 -2.18 -15.11 39.13
C ARG A 210 -2.71 -13.86 38.37
N LEU A 211 -3.90 -13.96 37.78
CA LEU A 211 -4.48 -12.82 37.01
C LEU A 211 -4.73 -11.65 37.95
N LEU A 212 -5.11 -12.00 39.18
CA LEU A 212 -5.32 -11.03 40.22
C LEU A 212 -4.02 -10.42 40.73
N GLU A 213 -3.09 -11.29 41.11
CA GLU A 213 -1.86 -10.85 41.78
C GLU A 213 -0.98 -10.02 40.81
N ASP A 214 -0.91 -10.49 39.58
CA ASP A 214 -0.03 -9.91 38.59
C ASP A 214 -0.51 -8.54 38.07
N LEU A 215 -1.69 -8.09 38.51
CA LEU A 215 -2.10 -6.69 38.31
C LEU A 215 -1.07 -5.76 38.92
N ASN A 216 -0.41 -6.22 40.00
CA ASN A 216 0.61 -5.43 40.68
C ASN A 216 1.80 -5.10 39.82
N LEU A 217 2.04 -5.89 38.79
CA LEU A 217 3.16 -5.64 37.88
C LEU A 217 2.86 -4.54 36.83
N LEU A 218 1.61 -4.08 36.74
CA LEU A 218 1.16 -3.35 35.55
C LEU A 218 0.94 -1.88 35.81
N ASP A 219 1.29 -1.09 34.83
CA ASP A 219 1.00 0.32 34.82
C ASP A 219 -0.34 0.51 34.12
N TRP A 220 -1.39 0.08 34.79
CA TRP A 220 -2.75 0.13 34.21
C TRP A 220 -3.55 1.01 35.07
N PRO A 221 -4.64 1.58 34.54
CA PRO A 221 -5.47 2.46 35.35
C PRO A 221 -6.18 1.71 36.44
N ASP A 222 -6.35 2.41 37.56
CA ASP A 222 -6.99 1.88 38.75
C ASP A 222 -8.36 1.39 38.42
N SER A 223 -9.07 2.19 37.63
CA SER A 223 -10.40 1.82 37.24
C SER A 223 -10.40 0.44 36.55
N LEU A 224 -9.41 0.16 35.72
CA LEU A 224 -9.38 -1.13 35.06
C LEU A 224 -8.98 -2.28 36.02
N LYS A 225 -8.02 -2.05 36.90
CA LYS A 225 -7.60 -3.07 37.85
C LYS A 225 -8.77 -3.44 38.73
N LYS A 226 -9.54 -2.44 39.12
CA LYS A 226 -10.73 -2.64 39.92
C LYS A 226 -11.78 -3.49 39.20
N LEU A 227 -12.08 -3.19 37.93
CA LEU A 227 -13.06 -3.99 37.18
C LEU A 227 -12.64 -5.46 37.13
N GLN A 228 -11.36 -5.73 36.89
CA GLN A 228 -10.91 -7.11 36.77
C GLN A 228 -10.92 -7.82 38.14
N THR A 229 -10.47 -7.09 39.18
CA THR A 229 -10.47 -7.58 40.57
C THR A 229 -11.90 -7.94 40.97
N ASN A 230 -12.85 -7.04 40.73
CA ASN A 230 -14.23 -7.32 41.11
C ASN A 230 -14.84 -8.46 40.29
N TRP A 231 -14.49 -8.54 39.00
CA TRP A 231 -14.98 -9.63 38.13
C TRP A 231 -14.45 -10.97 38.64
N ILE A 232 -13.17 -11.02 38.97
CA ILE A 232 -12.55 -12.31 39.42
C ILE A 232 -13.23 -12.66 40.76
N GLY A 233 -13.36 -11.66 41.63
CA GLY A 233 -14.20 -11.79 42.80
C GLY A 233 -13.78 -12.97 43.71
N LYS A 234 -12.49 -13.04 44.02
CA LYS A 234 -11.95 -14.04 44.93
C LYS A 234 -12.46 -13.76 46.34
N GLU A 235 -13.06 -14.77 46.96
CA GLU A 235 -13.52 -14.64 48.33
C GLU A 235 -13.43 -15.96 49.09
N GLU A 236 -12.92 -15.89 50.31
CA GLU A 236 -13.03 -17.04 51.22
C GLU A 236 -14.39 -17.02 51.87
N ILE A 237 -15.15 -18.07 51.66
CA ILE A 237 -16.46 -18.16 52.28
C ILE A 237 -16.59 -19.53 52.96
N ASP A 238 -16.75 -19.53 54.29
CA ASP A 238 -16.81 -20.79 55.06
C ASP A 238 -15.69 -21.80 54.72
N GLY A 239 -14.49 -21.28 54.48
CA GLY A 239 -13.30 -22.09 54.19
C GLY A 239 -13.04 -22.45 52.75
N LYS A 240 -14.01 -22.24 51.89
CA LYS A 240 -13.85 -22.51 50.47
C LYS A 240 -13.33 -21.24 49.80
N ILE A 241 -12.29 -21.35 48.99
CA ILE A 241 -11.88 -20.20 48.21
C ILE A 241 -12.80 -20.19 46.97
N THR A 242 -13.62 -19.16 46.82
CA THR A 242 -14.51 -19.10 45.67
C THR A 242 -14.14 -17.95 44.73
N TYR A 243 -14.63 -18.03 43.49
CA TYR A 243 -14.45 -16.93 42.51
C TYR A 243 -15.78 -16.65 41.83
N LYS A 244 -16.07 -15.37 41.62
CA LYS A 244 -17.22 -15.01 40.76
C LYS A 244 -16.94 -15.39 39.33
N LEU A 245 -15.68 -15.27 38.89
CA LEU A 245 -15.28 -15.72 37.59
C LEU A 245 -15.57 -17.20 37.47
N GLN A 246 -16.13 -17.62 36.32
CA GLN A 246 -16.25 -19.04 36.02
C GLN A 246 -15.43 -19.33 34.82
N ASP A 247 -15.28 -20.61 34.50
CA ASP A 247 -14.52 -20.96 33.34
C ASP A 247 -15.22 -20.42 32.05
N TRP A 248 -14.42 -20.25 31.03
CA TRP A 248 -14.77 -19.40 29.89
C TRP A 248 -15.47 -20.22 28.82
N ILE A 249 -16.76 -19.99 28.66
CA ILE A 249 -17.57 -20.64 27.61
C ILE A 249 -17.01 -20.18 26.25
N PHE A 250 -16.38 -21.10 25.52
CA PHE A 250 -15.52 -20.75 24.42
C PHE A 250 -16.09 -21.12 23.04
N ALA A 251 -17.04 -22.04 22.96
CA ALA A 251 -17.52 -22.49 21.68
C ALA A 251 -18.73 -21.67 21.27
N ARG A 252 -18.86 -21.38 19.99
CA ARG A 252 -20.02 -20.66 19.49
C ARG A 252 -20.74 -21.48 18.43
N GLN A 253 -22.07 -21.40 18.44
CA GLN A 253 -22.83 -22.05 17.41
C GLN A 253 -23.07 -21.10 16.20
N ARG A 254 -21.95 -20.70 15.60
CA ARG A 254 -21.96 -19.77 14.46
C ARG A 254 -21.01 -20.27 13.38
N TYR A 255 -21.26 -19.82 12.15
CA TYR A 255 -20.40 -20.16 11.04
C TYR A 255 -19.09 -19.41 11.05
N TRP A 256 -19.15 -18.09 11.18
CA TRP A 256 -17.97 -17.24 10.95
C TRP A 256 -17.03 -17.14 12.15
N GLY A 257 -16.16 -18.12 12.27
CA GLY A 257 -15.15 -18.20 13.33
C GLY A 257 -14.17 -19.35 13.05
N GLU A 258 -13.13 -19.49 13.86
CA GLU A 258 -12.14 -20.55 13.68
C GLU A 258 -12.75 -21.89 14.02
N PRO A 259 -12.59 -22.88 13.15
CA PRO A 259 -12.97 -24.20 13.57
C PRO A 259 -12.12 -24.71 14.72
N PHE A 260 -12.72 -25.58 15.50
CA PHE A 260 -12.00 -26.36 16.50
C PHE A 260 -11.28 -27.49 15.76
N PRO A 261 -9.96 -27.58 15.92
CA PRO A 261 -9.20 -28.56 15.19
C PRO A 261 -9.30 -29.91 15.93
N VAL A 262 -10.51 -30.47 15.92
CA VAL A 262 -10.94 -31.53 16.81
C VAL A 262 -11.87 -32.50 16.06
N TYR A 263 -11.78 -33.78 16.38
CA TYR A 263 -12.80 -34.75 15.91
C TYR A 263 -13.11 -35.70 17.06
N PHE A 264 -14.26 -36.34 16.98
CA PHE A 264 -14.77 -37.21 18.05
C PHE A 264 -15.07 -38.63 17.51
N ASP A 265 -14.90 -39.62 18.39
CA ASP A 265 -15.34 -41.01 18.08
C ASP A 265 -16.72 -41.22 18.67
N GLU A 266 -17.24 -42.44 18.54
CA GLU A 266 -18.58 -42.81 19.00
C GLU A 266 -18.77 -42.61 20.48
N ASP A 267 -17.69 -42.63 21.27
CA ASP A 267 -17.78 -42.42 22.70
C ASP A 267 -17.53 -40.97 23.12
N ASN A 268 -17.46 -40.06 22.14
CA ASN A 268 -17.14 -38.67 22.38
C ASN A 268 -15.76 -38.38 22.94
N ASN A 269 -14.84 -39.32 22.78
CA ASN A 269 -13.43 -38.99 23.04
C ASN A 269 -12.99 -37.92 22.05
N VAL A 270 -12.20 -36.97 22.53
CA VAL A 270 -11.66 -35.89 21.74
C VAL A 270 -10.35 -36.31 21.12
N TYR A 271 -10.17 -36.06 19.83
CA TYR A 271 -8.89 -36.18 19.16
C TYR A 271 -8.53 -34.84 18.54
N LEU A 272 -7.24 -34.52 18.50
CA LEU A 272 -6.74 -33.25 17.98
C LEU A 272 -6.19 -33.49 16.59
N ILE A 273 -6.37 -32.51 15.71
CA ILE A 273 -5.87 -32.57 14.33
C ILE A 273 -4.60 -31.73 14.31
N ASP A 274 -3.50 -32.28 13.78
CA ASP A 274 -2.21 -31.54 13.75
C ASP A 274 -2.17 -30.38 12.75
N GLU A 275 -2.78 -30.54 11.60
CA GLU A 275 -2.70 -29.49 10.59
C GLU A 275 -3.80 -28.41 10.77
N LEU A 276 -3.61 -27.31 10.06
CA LEU A 276 -4.61 -26.23 9.94
C LEU A 276 -5.92 -26.85 9.47
N VAL A 277 -7.03 -26.49 10.13
CA VAL A 277 -8.38 -26.90 9.76
C VAL A 277 -9.12 -25.64 9.35
N GLU A 278 -9.24 -25.44 8.06
CA GLU A 278 -9.88 -24.29 7.50
C GLU A 278 -11.39 -24.36 7.58
N LEU A 279 -12.01 -23.20 7.66
CA LEU A 279 -13.44 -23.11 7.68
C LEU A 279 -13.86 -23.35 6.25
N PRO A 280 -14.67 -24.39 5.98
CA PRO A 280 -15.15 -24.64 4.61
C PRO A 280 -16.05 -23.54 4.11
N HIS A 281 -15.96 -23.19 2.84
CA HIS A 281 -16.86 -22.22 2.28
C HIS A 281 -18.27 -22.80 2.19
N MET A 282 -19.26 -22.13 2.76
CA MET A 282 -20.65 -22.56 2.73
C MET A 282 -21.51 -21.35 2.42
N GLU A 283 -22.68 -21.60 1.81
CA GLU A 283 -23.68 -20.55 1.56
C GLU A 283 -24.75 -20.58 2.63
N ASN A 284 -24.98 -21.76 3.20
CA ASN A 284 -26.00 -21.88 4.21
C ASN A 284 -25.38 -21.62 5.59
N ILE A 285 -25.35 -20.37 6.02
CA ILE A 285 -24.57 -20.00 7.18
C ILE A 285 -25.41 -19.43 8.28
N MET A 286 -26.73 -19.45 8.12
CA MET A 286 -27.60 -18.91 9.15
C MET A 286 -27.69 -19.83 10.36
N PRO A 287 -27.65 -19.23 11.54
CA PRO A 287 -27.73 -20.05 12.77
C PRO A 287 -29.13 -20.60 12.99
N SER A 288 -29.20 -21.83 13.49
CA SER A 288 -30.44 -22.60 13.56
C SER A 288 -31.23 -22.54 14.85
N GLY A 289 -30.71 -21.96 15.93
CA GLY A 289 -31.40 -22.09 17.21
C GLY A 289 -31.50 -23.49 17.83
N THR A 290 -30.85 -24.50 17.27
CA THR A 290 -30.99 -25.86 17.79
C THR A 290 -30.01 -26.22 18.90
N GLY A 291 -28.98 -25.42 19.09
CA GLY A 291 -27.87 -25.82 19.95
C GLY A 291 -26.69 -26.31 19.14
N GLU A 292 -26.84 -26.46 17.84
CA GLU A 292 -25.68 -26.73 17.02
C GLU A 292 -25.43 -25.58 16.07
N GLY A 293 -24.20 -25.46 15.60
CA GLY A 293 -23.85 -24.40 14.64
C GLY A 293 -24.08 -24.81 13.21
N PRO A 294 -24.00 -23.83 12.27
CA PRO A 294 -24.27 -24.11 10.87
C PRO A 294 -23.33 -25.13 10.23
N LEU A 295 -22.10 -25.30 10.74
CA LEU A 295 -21.23 -26.33 10.21
C LEU A 295 -21.81 -27.75 10.37
N ALA A 296 -22.69 -27.96 11.33
CA ALA A 296 -23.25 -29.30 11.61
C ALA A 296 -24.06 -29.87 10.44
N THR A 297 -24.57 -29.00 9.56
CA THR A 297 -25.34 -29.38 8.40
C THR A 297 -24.47 -29.75 7.23
N ASN A 298 -23.17 -29.47 7.30
CA ASN A 298 -22.27 -29.77 6.21
C ASN A 298 -21.79 -31.23 6.37
N THR A 299 -22.67 -32.15 5.97
CA THR A 299 -22.48 -33.59 6.22
C THR A 299 -21.15 -34.13 5.74
N GLU A 300 -20.79 -33.80 4.52
CA GLU A 300 -19.52 -34.22 3.97
C GLU A 300 -18.29 -33.70 4.74
N TRP A 301 -18.33 -32.47 5.23
CA TRP A 301 -17.20 -31.91 5.99
C TRP A 301 -17.15 -32.45 7.39
N VAL A 302 -18.31 -32.60 8.02
CA VAL A 302 -18.38 -33.11 9.37
C VAL A 302 -17.90 -34.57 9.49
N GLN A 303 -18.15 -35.39 8.45
CA GLN A 303 -17.67 -36.79 8.45
C GLN A 303 -16.16 -36.80 8.28
N TYR A 304 -15.42 -37.13 9.32
CA TYR A 304 -13.97 -37.05 9.28
C TYR A 304 -13.42 -38.46 9.02
N LYS A 305 -12.87 -38.67 7.84
CA LYS A 305 -12.35 -39.99 7.41
C LYS A 305 -10.90 -40.20 7.82
N LYS A 306 -10.64 -41.19 8.67
CA LYS A 306 -9.28 -41.48 9.08
C LYS A 306 -9.14 -42.99 9.38
N ASN A 307 -8.15 -43.63 8.75
CA ASN A 307 -7.89 -45.08 8.95
C ASN A 307 -9.14 -45.95 8.78
N ASN A 308 -9.85 -45.69 7.68
CA ASN A 308 -11.09 -46.34 7.27
C ASN A 308 -12.27 -46.22 8.21
N LYS A 309 -12.13 -45.37 9.25
CA LYS A 309 -13.19 -45.09 10.19
C LYS A 309 -13.82 -43.72 9.90
N ILE A 310 -15.10 -43.56 10.28
CA ILE A 310 -15.78 -42.27 10.13
C ILE A 310 -15.92 -41.66 11.51
N PHE A 311 -15.24 -40.54 11.72
CA PHE A 311 -15.32 -39.81 12.96
C PHE A 311 -16.19 -38.58 12.67
N LYS A 312 -16.42 -37.77 13.71
CA LYS A 312 -17.28 -36.59 13.61
C LYS A 312 -16.46 -35.35 13.97
N ARG A 313 -16.30 -34.42 13.05
CA ARG A 313 -15.66 -33.14 13.38
C ARG A 313 -16.45 -32.36 14.42
N ASP A 314 -15.76 -31.51 15.17
CA ASP A 314 -16.43 -30.49 16.01
C ASP A 314 -17.13 -29.52 15.06
N THR A 315 -18.36 -29.12 15.42
CA THR A 315 -19.17 -28.27 14.57
C THR A 315 -19.38 -26.84 15.10
N ASN A 316 -18.72 -26.50 16.19
CA ASN A 316 -18.71 -25.14 16.75
C ASN A 316 -17.56 -24.30 16.17
N THR A 317 -17.57 -23.02 16.47
CA THR A 317 -16.42 -22.19 16.12
C THR A 317 -16.00 -21.39 17.32
N MET A 318 -14.79 -20.86 17.23
CA MET A 318 -14.23 -20.06 18.30
C MET A 318 -14.76 -18.64 18.27
N PRO A 319 -14.71 -17.95 19.39
CA PRO A 319 -15.28 -16.59 19.42
C PRO A 319 -14.32 -15.58 18.88
N GLN A 320 -14.83 -14.37 18.64
CA GLN A 320 -14.03 -13.27 18.09
C GLN A 320 -12.76 -13.01 18.94
N TRP A 321 -12.82 -13.41 20.19
CA TRP A 321 -11.72 -13.18 21.14
C TRP A 321 -10.50 -14.03 20.93
N ALA A 322 -10.67 -15.17 20.27
CA ALA A 322 -9.54 -16.06 20.00
C ALA A 322 -8.44 -15.40 19.18
N GLY A 323 -8.81 -14.70 18.10
CA GLY A 323 -7.79 -13.99 17.30
C GLY A 323 -7.19 -12.76 17.99
N SER A 324 -8.01 -12.02 18.74
CA SER A 324 -7.51 -10.88 19.52
C SER A 324 -6.71 -11.29 20.77
N CYS A 325 -6.80 -12.54 21.21
CA CYS A 325 -6.06 -12.96 22.41
C CYS A 325 -4.54 -12.98 22.20
N TRP A 326 -4.08 -13.08 20.95
CA TRP A 326 -2.65 -13.20 20.66
C TRP A 326 -2.11 -12.31 19.51
N TYR A 327 -2.95 -11.43 18.94
CA TYR A 327 -2.55 -10.67 17.76
C TYR A 327 -1.29 -9.80 17.97
N TYR A 328 -1.06 -9.35 19.20
CA TYR A 328 0.14 -8.52 19.57
C TYR A 328 1.41 -9.35 19.36
N LEU A 329 1.29 -10.68 19.41
CA LEU A 329 2.40 -11.54 19.10
C LEU A 329 2.51 -11.77 17.62
N ALA A 330 1.39 -11.90 16.92
CA ALA A 330 1.39 -12.10 15.49
C ALA A 330 2.13 -10.99 14.74
N TYR A 331 2.02 -9.77 15.23
CA TYR A 331 2.69 -8.64 14.57
C TYR A 331 4.21 -8.83 14.60
N ILE A 332 4.70 -9.44 15.68
CA ILE A 332 6.14 -9.69 15.84
C ILE A 332 6.53 -10.88 14.97
N MET A 333 5.68 -11.89 14.86
CA MET A 333 5.92 -13.00 13.96
C MET A 333 5.85 -12.63 12.48
N LYS A 334 5.04 -11.63 12.13
CA LYS A 334 4.74 -11.35 10.70
C LYS A 334 6.02 -10.95 9.96
N GLN A 335 6.19 -11.53 8.77
CA GLN A 335 7.36 -11.33 7.92
C GLN A 335 7.02 -10.61 6.63
N GLU A 336 8.04 -9.94 6.08
CA GLU A 336 7.91 -9.15 4.82
C GLU A 336 7.24 -9.94 3.70
N ASP A 337 7.57 -11.22 3.56
CA ASP A 337 7.03 -12.05 2.47
C ASP A 337 5.59 -12.52 2.71
N GLY A 338 4.99 -12.05 3.81
CA GLY A 338 3.60 -12.39 4.11
C GLY A 338 3.42 -13.63 5.00
N THR A 339 4.52 -14.25 5.45
CA THR A 339 4.43 -15.45 6.29
C THR A 339 4.63 -15.06 7.73
N TYR A 340 4.35 -15.99 8.64
CA TYR A 340 4.61 -15.83 10.06
C TYR A 340 5.74 -16.74 10.53
N LEU A 341 6.71 -16.22 11.27
CA LEU A 341 7.62 -17.09 12.00
C LEU A 341 6.78 -18.04 12.85
N PRO A 342 7.13 -19.33 12.87
CA PRO A 342 6.40 -20.24 13.77
C PRO A 342 6.42 -19.73 15.19
N ILE A 343 5.28 -19.78 15.87
CA ILE A 343 5.16 -19.17 17.19
C ILE A 343 6.15 -19.74 18.21
N ASP A 344 6.47 -21.04 18.07
CA ASP A 344 7.37 -21.73 18.98
C ASP A 344 8.81 -21.78 18.48
N SER A 345 9.12 -21.10 17.38
CA SER A 345 10.50 -21.10 16.88
C SER A 345 11.42 -20.24 17.73
N LYS A 346 12.70 -20.57 17.63
CA LYS A 346 13.73 -19.83 18.33
C LYS A 346 13.70 -18.36 17.88
N LYS A 347 13.56 -18.13 16.58
CA LYS A 347 13.51 -16.77 16.04
C LYS A 347 12.31 -15.98 16.57
N ALA A 348 11.16 -16.64 16.69
CA ALA A 348 9.99 -16.02 17.33
C ALA A 348 10.35 -15.56 18.74
N TYR A 349 10.93 -16.46 19.53
CA TYR A 349 11.18 -16.20 20.95
C TYR A 349 12.11 -15.04 21.13
N GLU A 350 13.11 -14.96 20.27
CA GLU A 350 14.10 -13.87 20.30
C GLU A 350 13.45 -12.53 19.92
N ALA A 351 12.61 -12.58 18.91
CA ALA A 351 11.88 -11.39 18.48
C ALA A 351 10.92 -10.97 19.59
N PHE A 352 10.28 -11.92 20.26
CA PHE A 352 9.42 -11.58 21.41
C PHE A 352 10.24 -10.96 22.53
N SER A 353 11.44 -11.48 22.75
CA SER A 353 12.26 -10.98 23.83
C SER A 353 12.71 -9.55 23.50
N LYS A 354 12.88 -9.24 22.23
CA LYS A 354 13.22 -7.90 21.83
C LYS A 354 12.03 -6.93 22.03
N TRP A 355 10.80 -7.35 21.70
CA TRP A 355 9.66 -6.40 21.60
C TRP A 355 8.72 -6.33 22.76
N LEU A 356 8.61 -7.39 23.54
CA LEU A 356 7.61 -7.49 24.60
C LEU A 356 8.13 -7.01 25.92
N PRO A 357 7.26 -6.58 26.83
CA PRO A 357 5.83 -6.39 26.68
C PRO A 357 5.55 -5.12 25.91
N VAL A 358 4.35 -5.03 25.34
CA VAL A 358 3.91 -3.80 24.71
C VAL A 358 4.16 -2.65 25.69
N ASP A 359 4.81 -1.61 25.19
CA ASP A 359 5.16 -0.46 26.04
C ASP A 359 4.00 0.45 26.30
N LEU A 360 3.14 0.65 25.29
CA LEU A 360 1.97 1.48 25.45
C LEU A 360 0.86 0.89 24.58
N TYR A 361 -0.25 0.55 25.24
CA TYR A 361 -1.42 -0.03 24.63
C TYR A 361 -2.55 0.92 24.95
N ILE A 362 -3.29 1.35 23.92
CA ILE A 362 -4.45 2.20 24.13
C ILE A 362 -5.68 1.61 23.44
N GLY A 363 -6.76 1.52 24.20
CA GLY A 363 -8.00 1.02 23.69
C GLY A 363 -9.03 1.15 24.74
N GLY A 364 -10.29 0.96 24.39
CA GLY A 364 -11.37 1.25 25.28
C GLY A 364 -11.59 0.36 26.50
N GLN A 365 -12.14 0.97 27.54
CA GLN A 365 -12.53 0.32 28.79
C GLN A 365 -13.57 -0.80 28.64
N GLU A 366 -14.32 -0.77 27.54
CA GLU A 366 -15.30 -1.83 27.31
C GLU A 366 -14.71 -3.25 27.27
N HIS A 367 -13.42 -3.36 26.98
CA HIS A 367 -12.72 -4.62 26.99
C HIS A 367 -12.23 -5.09 28.35
N ALA A 368 -12.57 -4.36 29.43
CA ALA A 368 -12.06 -4.63 30.80
C ALA A 368 -12.04 -6.13 31.20
N VAL A 369 -13.18 -6.81 31.04
CA VAL A 369 -13.32 -8.21 31.42
C VAL A 369 -13.52 -9.09 30.20
N LEU A 370 -13.26 -8.53 29.01
CA LEU A 370 -13.27 -9.29 27.77
C LEU A 370 -11.84 -9.45 27.27
N HIS A 371 -11.46 -8.82 26.16
CA HIS A 371 -10.10 -8.95 25.63
C HIS A 371 -8.99 -8.71 26.63
N LEU A 372 -9.13 -7.71 27.49
CA LEU A 372 -8.05 -7.34 28.39
C LEU A 372 -7.89 -8.36 29.54
N LEU A 373 -8.90 -9.23 29.74
CA LEU A 373 -8.80 -10.33 30.71
C LEU A 373 -8.37 -11.57 29.97
N TYR A 374 -9.11 -11.91 28.93
CA TYR A 374 -8.80 -13.09 28.11
C TYR A 374 -7.38 -13.13 27.54
N ALA A 375 -6.91 -12.01 26.99
CA ALA A 375 -5.56 -11.92 26.44
C ALA A 375 -4.49 -12.20 27.53
N ARG A 376 -4.71 -11.70 28.74
CA ARG A 376 -3.77 -11.91 29.84
C ARG A 376 -3.70 -13.40 30.16
N PHE A 377 -4.86 -14.07 30.10
CA PHE A 377 -4.96 -15.50 30.33
C PHE A 377 -4.18 -16.34 29.31
N TRP A 378 -4.42 -16.14 28.02
CA TRP A 378 -3.62 -16.83 27.01
C TRP A 378 -2.17 -16.54 27.16
N HIS A 379 -1.81 -15.28 27.42
CA HIS A 379 -0.42 -14.93 27.52
C HIS A 379 0.25 -15.71 28.62
N LYS A 380 -0.39 -15.81 29.78
CA LYS A 380 0.20 -16.55 30.90
C LYS A 380 0.42 -18.07 30.60
N ILE A 381 -0.50 -18.65 29.84
CA ILE A 381 -0.39 -20.03 29.42
C ILE A 381 0.82 -20.12 28.53
N LEU A 382 0.94 -19.19 27.58
CA LEU A 382 2.13 -19.19 26.70
C LEU A 382 3.48 -19.00 27.47
N TYR A 383 3.45 -18.18 28.51
CA TYR A 383 4.55 -17.96 29.40
C TYR A 383 4.93 -19.27 30.13
N ASP A 384 3.95 -19.95 30.72
CA ASP A 384 4.15 -21.26 31.35
C ASP A 384 4.75 -22.27 30.38
N LEU A 385 4.41 -22.16 29.10
CA LEU A 385 4.90 -23.06 28.09
C LEU A 385 6.23 -22.63 27.49
N LYS A 386 6.79 -21.52 27.98
CA LYS A 386 8.07 -21.00 27.49
C LYS A 386 7.97 -20.55 26.04
N ILE A 387 6.78 -20.13 25.62
CA ILE A 387 6.58 -19.62 24.27
C ILE A 387 6.82 -18.09 24.23
N VAL A 388 6.44 -17.39 25.30
CA VAL A 388 6.71 -15.96 25.46
C VAL A 388 7.56 -15.72 26.69
N PRO A 389 8.47 -14.70 26.64
CA PRO A 389 9.38 -14.39 27.78
C PRO A 389 8.81 -13.59 28.94
N THR A 390 7.67 -12.92 28.79
CA THR A 390 7.18 -12.03 29.82
C THR A 390 5.94 -12.59 30.47
N LYS A 391 5.70 -12.18 31.71
CA LYS A 391 4.53 -12.65 32.43
C LYS A 391 3.25 -11.97 31.91
N GLU A 392 3.41 -10.80 31.27
CA GLU A 392 2.26 -9.96 30.94
C GLU A 392 2.43 -9.43 29.52
N PRO A 393 1.30 -9.29 28.81
CA PRO A 393 1.34 -8.83 27.43
C PRO A 393 1.57 -7.34 27.27
N PHE A 394 0.92 -6.56 28.13
CA PHE A 394 0.80 -5.12 27.94
C PHE A 394 1.21 -4.40 29.22
N GLN A 395 2.37 -3.72 29.21
CA GLN A 395 2.88 -3.11 30.47
C GLN A 395 2.11 -1.87 30.92
N LYS A 396 1.86 -0.97 29.96
CA LYS A 396 1.12 0.24 30.18
C LYS A 396 -0.13 0.30 29.30
N LEU A 397 -1.28 0.50 29.93
CA LEU A 397 -2.56 0.62 29.23
C LEU A 397 -3.15 1.96 29.56
N ILE A 398 -3.63 2.65 28.51
CA ILE A 398 -4.47 3.85 28.68
C ILE A 398 -5.81 3.59 27.99
N ASN A 399 -6.89 3.88 28.70
CA ASN A 399 -8.23 3.83 28.14
C ASN A 399 -8.66 5.22 27.71
N GLN A 400 -8.63 5.45 26.39
CA GLN A 400 -9.09 6.73 25.83
C GLN A 400 -10.56 6.89 26.18
N GLY A 401 -10.96 8.08 26.59
CA GLY A 401 -12.37 8.36 26.79
C GLY A 401 -13.16 8.34 25.49
N MET A 402 -14.41 7.97 25.59
CA MET A 402 -15.28 7.90 24.44
C MET A 402 -15.57 9.29 23.94
N ILE A 403 -15.50 9.43 22.62
CA ILE A 403 -16.05 10.58 21.92
C ILE A 403 -17.54 10.30 21.78
N LEU A 404 -18.33 11.28 22.20
CA LEU A 404 -19.77 11.19 22.20
C LEU A 404 -20.31 11.96 20.99
N GLY A 405 -21.40 11.49 20.45
CA GLY A 405 -22.08 12.24 19.41
C GLY A 405 -22.77 13.46 20.00
N LYS A 406 -23.46 14.17 19.12
CA LYS A 406 -24.21 15.36 19.54
C LYS A 406 -25.38 15.03 20.50
N ASP A 407 -25.88 13.81 20.45
CA ASP A 407 -26.88 13.39 21.42
C ASP A 407 -26.31 13.18 22.84
N GLY A 408 -24.99 13.27 23.01
CA GLY A 408 -24.39 13.03 24.32
C GLY A 408 -24.22 11.55 24.65
N GLN A 409 -24.56 10.65 23.74
CA GLN A 409 -24.24 9.24 23.96
C GLN A 409 -22.92 8.92 23.28
N LYS A 410 -22.24 7.88 23.76
CA LYS A 410 -21.07 7.32 23.06
C LYS A 410 -21.33 7.23 21.53
N MET A 411 -20.34 7.68 20.75
CA MET A 411 -20.48 7.63 19.32
C MET A 411 -20.41 6.18 18.89
N SER A 412 -21.45 5.75 18.18
CA SER A 412 -21.49 4.41 17.64
C SER A 412 -22.56 4.27 16.58
N LYS A 413 -22.24 3.40 15.63
CA LYS A 413 -23.11 3.09 14.49
C LYS A 413 -24.47 2.62 15.04
N SER A 414 -24.41 1.82 16.09
CA SER A 414 -25.59 1.26 16.72
C SER A 414 -26.58 2.34 17.19
N LEU A 415 -26.07 3.46 17.72
CA LEU A 415 -26.92 4.55 18.20
C LEU A 415 -27.24 5.61 17.14
N GLY A 416 -26.75 5.45 15.92
CA GLY A 416 -27.04 6.38 14.84
C GLY A 416 -26.62 7.81 15.16
N ASN A 417 -25.51 7.98 15.90
CA ASN A 417 -25.00 9.32 16.21
C ASN A 417 -23.57 9.57 15.66
N VAL A 418 -23.21 8.88 14.58
CA VAL A 418 -21.83 8.95 14.05
C VAL A 418 -21.58 10.21 13.21
N VAL A 419 -20.33 10.68 13.21
CA VAL A 419 -19.87 11.63 12.21
C VAL A 419 -18.87 10.88 11.36
N ASN A 420 -18.98 11.01 10.05
CA ASN A 420 -18.16 10.28 9.09
C ASN A 420 -16.85 11.01 8.97
N PRO A 421 -15.76 10.30 9.23
CA PRO A 421 -14.44 10.88 9.09
C PRO A 421 -14.11 11.29 7.68
N ASP A 422 -14.64 10.61 6.67
CA ASP A 422 -14.37 10.96 5.30
C ASP A 422 -14.81 12.39 5.02
N GLU A 423 -15.92 12.82 5.61
CA GLU A 423 -16.38 14.17 5.38
C GLU A 423 -15.50 15.21 6.10
N ILE A 424 -15.07 14.93 7.32
CA ILE A 424 -14.18 15.83 8.05
C ILE A 424 -12.83 15.90 7.31
N ILE A 425 -12.33 14.75 6.88
CA ILE A 425 -11.05 14.71 6.21
C ILE A 425 -11.11 15.47 4.87
N GLN A 426 -12.21 15.33 4.14
CA GLN A 426 -12.46 16.13 2.92
CA GLN A 426 -12.38 16.10 2.92
C GLN A 426 -12.54 17.60 3.21
N ASN A 427 -13.40 17.98 4.14
CA ASN A 427 -13.67 19.39 4.35
C ASN A 427 -12.60 20.15 5.14
N PHE A 428 -11.97 19.48 6.11
CA PHE A 428 -11.00 20.12 7.01
C PHE A 428 -9.59 19.53 6.94
N GLY A 429 -9.51 18.23 6.68
CA GLY A 429 -8.22 17.55 6.62
C GLY A 429 -7.99 16.65 7.83
N ALA A 430 -7.19 15.62 7.62
CA ALA A 430 -6.69 14.72 8.65
C ALA A 430 -5.96 15.46 9.78
N ASP A 431 -5.18 16.50 9.43
CA ASP A 431 -4.40 17.23 10.46
C ASP A 431 -5.35 17.90 11.45
N THR A 432 -6.38 18.58 10.94
CA THR A 432 -7.39 19.15 11.77
C THR A 432 -8.08 18.06 12.62
N LEU A 433 -8.45 16.93 12.03
CA LEU A 433 -9.14 15.92 12.81
C LEU A 433 -8.32 15.47 14.02
N ARG A 434 -7.03 15.26 13.78
CA ARG A 434 -6.08 14.75 14.76
C ARG A 434 -5.84 15.76 15.85
N VAL A 435 -5.58 17.01 15.44
CA VAL A 435 -5.37 18.08 16.37
C VAL A 435 -6.66 18.33 17.20
N TYR A 436 -7.80 18.33 16.52
CA TYR A 436 -9.05 18.58 17.21
C TYR A 436 -9.30 17.51 18.29
N GLU A 437 -9.15 16.26 17.95
CA GLU A 437 -9.48 15.18 18.89
C GLU A 437 -8.60 15.21 20.14
N MET A 438 -7.36 15.62 19.99
CA MET A 438 -6.46 15.72 21.12
C MET A 438 -6.77 16.97 21.95
N PHE A 439 -7.29 18.02 21.28
CA PHE A 439 -7.62 19.29 21.92
C PHE A 439 -8.98 19.28 22.61
N MET A 440 -9.83 18.31 22.30
CA MET A 440 -11.14 18.22 22.94
C MET A 440 -11.05 18.14 24.45
N GLY A 441 -9.98 17.54 24.97
CA GLY A 441 -9.81 17.41 26.41
C GLY A 441 -8.74 16.40 26.79
N PRO A 442 -8.59 16.15 28.10
CA PRO A 442 -7.66 15.09 28.48
C PRO A 442 -8.02 13.78 27.73
N LEU A 443 -7.02 13.06 27.31
CA LEU A 443 -7.24 11.82 26.54
C LEU A 443 -8.24 10.88 27.21
N THR A 444 -8.16 10.76 28.54
CA THR A 444 -9.02 9.81 29.26
C THR A 444 -10.44 10.26 29.56
N ASP A 445 -10.73 11.55 29.42
CA ASP A 445 -12.08 12.07 29.57
C ASP A 445 -12.97 11.72 28.38
N THR A 446 -14.25 11.58 28.63
CA THR A 446 -15.20 11.52 27.55
C THR A 446 -15.40 12.95 27.03
N LYS A 447 -15.85 13.07 25.79
CA LYS A 447 -16.11 14.39 25.24
C LYS A 447 -17.04 14.30 24.08
N LYS A 448 -17.74 15.40 23.86
CA LYS A 448 -18.77 15.53 22.88
C LYS A 448 -18.21 16.24 21.66
N TRP A 449 -18.46 15.67 20.49
CA TRP A 449 -18.13 16.28 19.23
C TRP A 449 -18.77 17.62 19.09
N ASN A 450 -18.01 18.59 18.58
CA ASN A 450 -18.46 19.98 18.42
C ASN A 450 -17.91 20.59 17.10
N GLU A 451 -18.80 20.72 16.10
CA GLU A 451 -18.50 21.32 14.79
C GLU A 451 -17.72 22.63 14.86
N SER A 452 -18.13 23.55 15.72
CA SER A 452 -17.50 24.86 15.68
C SER A 452 -16.08 24.82 16.25
N THR A 453 -15.80 23.90 17.16
CA THR A 453 -14.41 23.71 17.59
C THR A 453 -13.58 23.02 16.50
N VAL A 454 -14.20 22.20 15.65
CA VAL A 454 -13.48 21.66 14.49
C VAL A 454 -13.02 22.80 13.54
N GLU A 455 -13.95 23.71 13.26
CA GLU A 455 -13.70 24.90 12.45
C GLU A 455 -12.64 25.79 13.08
N ALA A 456 -12.69 25.97 14.41
CA ALA A 456 -11.65 26.74 15.09
C ALA A 456 -10.27 26.07 14.99
N THR A 457 -10.24 24.73 14.98
CA THR A 457 -8.96 24.03 14.90
C THR A 457 -8.34 24.23 13.52
N TYR A 458 -9.17 24.11 12.49
CA TYR A 458 -8.72 24.39 11.13
C TYR A 458 -8.15 25.81 11.00
N LYS A 459 -8.86 26.79 11.53
CA LYS A 459 -8.37 28.20 11.48
C LYS A 459 -7.03 28.35 12.18
N TRP A 460 -6.83 27.62 13.28
CA TRP A 460 -5.55 27.60 13.94
C TRP A 460 -4.45 27.05 13.04
N ILE A 461 -4.70 25.93 12.34
CA ILE A 461 -3.66 25.37 11.50
C ILE A 461 -3.31 26.34 10.37
N LEU A 462 -4.34 26.98 9.83
CA LEU A 462 -4.18 28.02 8.82
C LEU A 462 -3.29 29.15 9.38
N ARG A 463 -3.57 29.58 10.62
CA ARG A 463 -2.75 30.57 11.32
C ARG A 463 -1.27 30.16 11.44
N VAL A 464 -1.00 28.86 11.68
CA VAL A 464 0.40 28.35 11.78
C VAL A 464 1.08 28.45 10.44
N LYS A 465 0.37 27.98 9.41
CA LYS A 465 0.90 28.03 8.08
C LYS A 465 1.23 29.50 7.69
N ARG A 466 0.37 30.44 8.04
CA ARG A 466 0.60 31.84 7.68
C ARG A 466 1.79 32.49 8.40
N ILE A 467 2.07 32.07 9.65
CA ILE A 467 3.23 32.62 10.40
C ILE A 467 4.53 32.04 9.88
N PHE A 468 4.54 30.75 9.52
CA PHE A 468 5.66 30.21 8.80
C PHE A 468 5.90 31.01 7.51
N GLN A 469 4.84 31.29 6.74
CA GLN A 469 4.99 32.04 5.50
C GLN A 469 5.65 33.40 5.78
N ILE A 470 5.22 34.08 6.82
CA ILE A 470 5.70 35.42 7.10
C ILE A 470 7.23 35.38 7.23
N PHE A 471 7.71 34.55 8.15
CA PHE A 471 9.13 34.50 8.49
C PHE A 471 10.03 33.83 7.48
N ILE A 472 9.51 32.91 6.69
CA ILE A 472 10.30 32.21 5.69
C ILE A 472 10.39 32.99 4.40
N GLU A 473 9.29 33.56 3.93
CA GLU A 473 9.30 34.24 2.62
C GLU A 473 9.95 35.62 2.64
N ASP A 474 10.16 36.19 3.81
CA ASP A 474 10.82 37.50 3.90
C ASP A 474 12.07 37.34 4.73
N LYS A 475 13.22 37.25 4.08
CA LYS A 475 14.50 37.05 4.78
C LYS A 475 14.87 38.15 5.76
N SER A 476 14.38 39.35 5.51
CA SER A 476 14.67 40.45 6.43
C SER A 476 14.04 40.19 7.81
N LYS A 477 13.08 39.25 7.93
CA LYS A 477 12.48 39.03 9.25
C LYS A 477 13.28 38.06 10.14
N ILE A 478 14.34 37.48 9.57
CA ILE A 478 15.30 36.66 10.28
C ILE A 478 16.64 37.40 10.34
N ASN A 479 17.10 37.67 11.54
CA ASN A 479 18.40 38.33 11.74
C ASN A 479 19.04 37.89 13.04
N SER A 480 20.16 37.17 12.95
CA SER A 480 20.86 36.60 14.10
C SER A 480 21.34 37.62 15.12
N LEU A 481 21.43 38.89 14.70
CA LEU A 481 21.84 39.98 15.59
C LEU A 481 20.70 40.49 16.47
N HIS A 482 19.46 40.12 16.15
CA HIS A 482 18.29 40.68 16.85
C HIS A 482 18.32 40.29 18.30
N LYS A 483 18.02 41.25 19.17
CA LYS A 483 18.10 41.06 20.60
C LYS A 483 16.72 40.77 21.15
N ASP A 484 16.53 39.59 21.73
CA ASP A 484 15.26 39.19 22.32
C ASP A 484 15.54 37.93 23.09
N ASP A 485 16.19 38.08 24.23
CA ASP A 485 16.62 36.95 25.03
C ASP A 485 15.40 36.16 25.50
N GLN A 486 14.33 36.88 25.79
CA GLN A 486 13.08 36.24 26.25
C GLN A 486 12.57 35.23 25.20
N PHE A 487 12.67 35.57 23.92
CA PHE A 487 12.21 34.68 22.88
C PHE A 487 13.10 33.44 22.78
N ILE A 488 14.42 33.63 22.84
CA ILE A 488 15.36 32.49 22.81
C ILE A 488 15.03 31.59 23.96
N SER A 489 14.65 32.19 25.07
CA SER A 489 14.20 31.45 26.24
C SER A 489 12.86 30.71 26.04
N GLU A 490 11.84 31.43 25.61
CA GLU A 490 10.56 30.81 25.23
C GLU A 490 10.75 29.57 24.28
N HIS A 491 11.58 29.73 23.26
CA HIS A 491 11.92 28.67 22.32
C HIS A 491 12.47 27.43 23.01
N ASN A 492 13.54 27.60 23.79
CA ASN A 492 14.15 26.47 24.51
C ASN A 492 13.18 25.82 25.49
N LEU A 493 12.43 26.64 26.22
CA LEU A 493 11.46 26.13 27.12
C LEU A 493 10.33 25.36 26.37
N LEU A 494 9.97 25.80 25.17
CA LEU A 494 8.91 25.10 24.42
C LEU A 494 9.33 23.66 24.19
N ILE A 495 10.57 23.46 23.77
CA ILE A 495 11.11 22.15 23.50
C ILE A 495 10.99 21.29 24.75
N LYS A 496 11.41 21.84 25.87
CA LYS A 496 11.37 21.13 27.15
C LYS A 496 9.95 20.80 27.58
N GLU A 497 9.08 21.79 27.53
CA GLU A 497 7.72 21.59 28.03
C GLU A 497 6.84 20.70 27.12
N ILE A 498 7.02 20.81 25.80
CA ILE A 498 6.27 19.97 24.85
C ILE A 498 6.72 18.52 25.06
N THR A 499 8.03 18.32 25.19
CA THR A 499 8.60 17.00 25.49
C THR A 499 7.93 16.39 26.72
N GLN A 500 7.83 17.16 27.80
CA GLN A 500 7.19 16.70 29.02
C GLN A 500 5.73 16.36 28.81
N ASP A 501 5.01 17.22 28.10
CA ASP A 501 3.58 16.97 27.83
C ASP A 501 3.38 15.68 27.01
N ILE A 502 4.24 15.45 26.01
CA ILE A 502 4.14 14.23 25.21
C ILE A 502 4.37 13.01 26.11
N GLU A 503 5.48 13.04 26.85
CA GLU A 503 5.80 11.99 27.84
C GLU A 503 4.61 11.73 28.76
N ASP A 504 3.94 12.77 29.23
CA ASP A 504 2.79 12.61 30.11
C ASP A 504 1.47 12.28 29.40
N LEU A 505 1.48 12.12 28.07
CA LEU A 505 0.24 11.98 27.28
C LEU A 505 -0.79 13.09 27.54
N LYS A 506 -0.30 14.31 27.79
CA LYS A 506 -1.18 15.46 28.01
C LYS A 506 -1.24 16.31 26.72
N PHE A 507 -1.92 15.77 25.74
CA PHE A 507 -1.86 16.28 24.38
C PHE A 507 -2.66 17.55 24.22
N ASN A 508 -3.74 17.71 24.97
CA ASN A 508 -4.50 18.96 24.89
C ASN A 508 -3.66 20.16 25.35
N ILE A 509 -2.93 19.96 26.42
CA ILE A 509 -2.08 20.98 27.03
C ILE A 509 -0.90 21.26 26.10
N MET A 510 -0.40 20.21 25.46
CA MET A 510 0.66 20.36 24.49
C MET A 510 0.23 21.31 23.39
N ILE A 511 -0.98 21.13 22.89
CA ILE A 511 -1.51 22.01 21.85
C ILE A 511 -1.66 23.44 22.38
N SER A 512 -2.23 23.61 23.58
CA SER A 512 -2.30 24.94 24.19
C SER A 512 -0.95 25.62 24.20
N LYS A 513 0.11 24.89 24.54
CA LYS A 513 1.47 25.44 24.50
C LYS A 513 1.95 25.83 23.10
N LEU A 514 1.61 25.03 22.10
CA LEU A 514 1.96 25.38 20.74
C LEU A 514 1.21 26.62 20.30
N MET A 515 -0.04 26.75 20.71
CA MET A 515 -0.81 27.95 20.44
C MET A 515 -0.21 29.23 21.07
N ILE A 516 0.23 29.13 22.32
CA ILE A 516 0.88 30.26 23.00
C ILE A 516 2.13 30.67 22.27
N PHE A 517 2.95 29.72 21.83
CA PHE A 517 4.15 30.02 21.09
C PHE A 517 3.83 30.75 19.77
N VAL A 518 2.80 30.28 19.08
CA VAL A 518 2.40 30.95 17.87
C VAL A 518 1.92 32.37 18.18
N ASN A 519 1.18 32.58 19.27
CA ASN A 519 0.75 33.93 19.63
C ASN A 519 1.95 34.86 19.79
N SER A 520 3.02 34.31 20.34
CA SER A 520 4.24 35.06 20.57
C SER A 520 4.97 35.33 19.25
N LEU A 521 5.02 34.36 18.33
CA LEU A 521 5.62 34.63 17.03
C LEU A 521 4.90 35.79 16.31
N TYR A 522 3.58 35.84 16.40
CA TYR A 522 2.80 36.90 15.79
C TYR A 522 3.07 38.29 16.40
N LYS A 523 3.76 38.39 17.53
CA LYS A 523 4.12 39.70 18.09
C LYS A 523 5.51 40.14 17.68
N LYS A 524 6.25 39.29 16.97
CA LYS A 524 7.69 39.53 16.74
C LYS A 524 7.87 40.21 15.40
N GLU A 525 8.65 41.31 15.37
CA GLU A 525 8.97 41.96 14.09
C GLU A 525 10.04 41.16 13.41
N LYS A 526 10.94 40.63 14.22
CA LYS A 526 12.05 39.84 13.74
C LYS A 526 12.31 38.74 14.75
N ILE A 527 12.88 37.63 14.28
CA ILE A 527 13.38 36.57 15.18
C ILE A 527 14.83 36.23 14.81
N TYR A 528 15.57 35.67 15.77
CA TYR A 528 17.01 35.39 15.61
C TYR A 528 17.38 34.37 14.57
N SER A 529 16.49 33.42 14.34
CA SER A 529 16.82 32.28 13.52
C SER A 529 15.52 31.54 13.04
N LEU A 530 15.67 30.76 11.97
CA LEU A 530 14.63 29.83 11.55
C LEU A 530 14.56 28.56 12.40
N LYS A 531 15.55 28.33 13.27
CA LYS A 531 15.56 27.12 14.11
C LYS A 531 14.29 26.89 14.95
N PRO A 532 13.74 27.92 15.55
CA PRO A 532 12.51 27.67 16.33
C PRO A 532 11.29 27.22 15.48
N LEU A 533 11.28 27.64 14.21
CA LEU A 533 10.23 27.19 13.25
C LEU A 533 10.49 25.74 12.90
N LYS A 534 11.73 25.40 12.58
CA LYS A 534 12.11 24.01 12.32
C LYS A 534 11.77 23.12 13.50
N ASP A 535 12.13 23.53 14.72
CA ASP A 535 11.80 22.75 15.89
C ASP A 535 10.27 22.62 16.12
N PHE A 536 9.55 23.71 15.91
CA PHE A 536 8.09 23.70 16.02
C PHE A 536 7.52 22.66 15.05
N ALA A 537 7.94 22.74 13.80
CA ALA A 537 7.48 21.82 12.77
C ALA A 537 7.78 20.35 13.14
N ILE A 538 9.01 20.05 13.56
CA ILE A 538 9.37 18.68 13.95
C ILE A 538 8.44 18.15 15.04
N MET A 539 8.22 19.00 16.04
CA MET A 539 7.40 18.62 17.17
C MET A 539 5.91 18.51 16.84
N PHE A 540 5.44 19.41 15.98
CA PHE A 540 4.03 19.45 15.56
C PHE A 540 3.75 18.25 14.68
N SER A 541 4.78 17.74 13.99
CA SER A 541 4.65 16.60 13.10
C SER A 541 4.03 15.36 13.76
N THR A 542 4.20 15.26 15.07
CA THR A 542 3.73 14.12 15.82
C THR A 542 2.20 14.09 15.82
N ILE A 543 1.57 15.27 15.81
CA ILE A 543 0.10 15.39 15.79
C ILE A 543 -0.47 15.81 14.44
N ALA A 544 0.26 16.64 13.70
CA ALA A 544 -0.19 17.21 12.40
C ALA A 544 0.89 16.93 11.39
N PRO A 545 1.08 15.65 11.02
CA PRO A 545 2.26 15.31 10.21
C PRO A 545 2.27 15.88 8.79
N HIS A 546 1.10 16.06 8.17
CA HIS A 546 1.10 16.44 6.77
C HIS A 546 1.58 17.88 6.61
N ILE A 547 0.89 18.79 7.28
CA ILE A 547 1.27 20.19 7.29
C ILE A 547 2.70 20.39 7.85
N SER A 548 3.07 19.59 8.82
CA SER A 548 4.42 19.72 9.38
C SER A 548 5.48 19.35 8.38
N GLU A 549 5.27 18.28 7.62
CA GLU A 549 6.22 17.97 6.53
C GLU A 549 6.29 19.11 5.49
N GLU A 550 5.14 19.67 5.13
CA GLU A 550 5.09 20.77 4.17
C GLU A 550 5.89 21.97 4.68
N LEU A 551 5.76 22.27 5.96
CA LEU A 551 6.45 23.41 6.56
C LEU A 551 7.98 23.14 6.59
N LEU A 552 8.36 21.92 6.98
CA LEU A 552 9.76 21.54 6.97
C LEU A 552 10.40 21.67 5.59
N GLU A 553 9.72 21.14 4.58
CA GLU A 553 10.14 21.30 3.19
C GLU A 553 10.29 22.80 2.81
N SER A 554 9.32 23.64 3.19
CA SER A 554 9.42 25.05 2.85
C SER A 554 10.59 25.71 3.57
N LEU A 555 11.08 25.13 4.67
CA LEU A 555 12.31 25.61 5.32
C LEU A 555 13.59 25.11 4.64
N GLY A 556 13.46 24.27 3.62
CA GLY A 556 14.61 23.63 3.00
C GLY A 556 15.23 22.54 3.87
N GLU A 557 14.46 21.95 4.80
CA GLU A 557 14.98 20.93 5.69
C GLU A 557 14.66 19.55 5.15
N LYS A 558 15.25 18.52 5.74
CA LYS A 558 14.97 17.15 5.32
C LYS A 558 13.62 16.69 5.87
N GLU A 559 13.06 15.62 5.31
CA GLU A 559 11.76 15.10 5.74
C GLU A 559 11.84 14.49 7.12
N ILE A 560 10.66 14.39 7.76
CA ILE A 560 10.57 13.94 9.15
C ILE A 560 11.33 12.65 9.40
N MET A 561 11.28 11.67 8.48
CA MET A 561 11.89 10.38 8.73
C MET A 561 13.42 10.48 8.95
N PHE A 562 14.04 11.53 8.42
CA PHE A 562 15.47 11.79 8.68
C PHE A 562 15.74 12.76 9.80
N GLN A 563 14.72 13.25 10.51
CA GLN A 563 14.96 14.26 11.54
C GLN A 563 15.19 13.67 12.94
N SER A 564 15.61 14.49 13.89
CA SER A 564 15.67 14.11 15.27
C SER A 564 14.88 15.05 16.10
N TRP A 565 14.51 14.60 17.27
CA TRP A 565 13.83 15.45 18.22
C TRP A 565 14.69 16.65 18.58
N PRO A 566 14.08 17.84 18.69
CA PRO A 566 14.92 19.00 18.99
C PRO A 566 15.61 18.90 20.35
N THR A 567 16.84 19.43 20.43
CA THR A 567 17.51 19.61 21.73
C THR A 567 17.41 21.07 22.16
N TYR A 568 17.28 21.27 23.44
CA TYR A 568 17.34 22.60 24.01
C TYR A 568 18.55 22.75 24.94
N GLU A 569 18.98 24.00 25.13
CA GLU A 569 20.03 24.31 26.11
C GLU A 569 19.37 24.93 27.34
N ASN A 570 19.43 24.24 28.47
CA ASN A 570 18.74 24.77 29.66
C ASN A 570 19.32 26.12 30.15
N ASN A 571 20.54 26.47 29.71
CA ASN A 571 21.17 27.78 30.01
C ASN A 571 20.62 28.94 29.18
N LYS A 572 19.68 28.67 28.29
CA LYS A 572 19.01 29.75 27.58
C LYS A 572 17.65 30.02 28.19
N ILE A 573 17.24 29.22 29.17
CA ILE A 573 15.89 29.37 29.74
C ILE A 573 15.98 30.29 30.91
N LEU A 574 15.33 31.45 30.82
CA LEU A 574 15.48 32.51 31.84
C LEU A 574 14.58 32.28 33.06
N LEU A 575 14.90 31.22 33.80
CA LEU A 575 14.41 30.92 35.16
C LEU A 575 14.94 29.51 35.48
N THR A 576 15.85 29.38 36.45
CA THR A 576 16.37 28.06 36.86
C THR A 576 15.85 27.66 38.25
N LYS A 577 15.74 26.36 38.48
CA LYS A 577 15.21 25.81 39.73
C LYS A 577 16.23 24.89 40.39
N ASP A 578 15.90 24.38 41.57
CA ASP A 578 16.82 23.56 42.34
C ASP A 578 16.99 22.15 41.76
N ILE A 579 18.24 21.67 41.75
CA ILE A 579 18.58 20.29 41.36
C ILE A 579 18.86 19.46 42.62
N VAL A 580 18.07 18.40 42.83
CA VAL A 580 18.24 17.53 43.99
C VAL A 580 18.94 16.23 43.58
N ALA A 581 20.11 15.99 44.17
CA ALA A 581 20.89 14.74 43.94
C ALA A 581 20.37 13.60 44.85
N ILE A 582 19.79 12.56 44.23
CA ILE A 582 19.26 11.39 44.95
C ILE A 582 20.36 10.29 45.05
N GLN A 583 20.47 9.68 46.22
CA GLN A 583 21.48 8.64 46.46
C GLN A 583 20.84 7.34 46.97
N VAL A 584 21.55 6.23 46.71
CA VAL A 584 21.22 4.91 47.26
C VAL A 584 22.35 4.52 48.22
N ASN A 585 22.23 5.00 49.46
CA ASN A 585 23.15 4.65 50.57
C ASN A 585 24.52 5.34 50.49
N GLY A 586 24.52 6.63 50.16
CA GLY A 586 25.74 7.43 50.05
C GLY A 586 26.25 7.61 48.63
N LYS A 587 25.81 6.75 47.70
CA LYS A 587 26.26 6.75 46.29
C LYS A 587 25.21 7.40 45.36
N LEU A 588 25.66 8.33 44.52
CA LEU A 588 24.76 9.07 43.61
C LEU A 588 24.15 8.12 42.56
N ARG A 589 22.81 8.17 42.43
CA ARG A 589 22.07 7.34 41.44
C ARG A 589 21.18 8.14 40.48
N GLU A 590 20.78 9.35 40.86
CA GLU A 590 19.99 10.24 40.00
C GLU A 590 20.10 11.70 40.46
N THR A 591 19.86 12.62 39.53
CA THR A 591 19.56 14.03 39.84
C THR A 591 18.28 14.43 39.08
N PHE A 592 17.54 15.38 39.65
CA PHE A 592 16.32 15.87 39.03
C PHE A 592 15.95 17.27 39.55
N GLU A 593 15.27 18.04 38.69
CA GLU A 593 14.74 19.34 39.06
C GLU A 593 13.47 19.18 39.93
N ILE A 594 13.38 19.99 40.98
CA ILE A 594 12.14 20.10 41.77
C ILE A 594 11.58 21.51 41.58
N GLU A 595 10.48 21.61 40.83
CA GLU A 595 9.88 22.90 40.43
C GLU A 595 9.10 23.56 41.56
N ASN A 596 9.52 24.76 41.95
CA ASN A 596 8.95 25.45 43.11
C ASN A 596 9.46 24.85 44.41
N ASP A 597 8.90 25.30 45.54
CA ASP A 597 9.24 24.77 46.86
C ASP A 597 7.99 24.26 47.61
N TRP A 598 7.00 23.77 46.85
CA TRP A 598 5.68 23.41 47.40
C TRP A 598 5.71 22.38 48.50
N ASP A 599 6.03 21.14 48.13
CA ASP A 599 6.07 20.02 49.08
C ASP A 599 7.52 19.58 49.36
N GLU A 600 7.65 18.59 50.26
CA GLU A 600 8.94 18.01 50.64
C GLU A 600 8.82 16.50 50.87
N LYS A 601 7.89 16.10 51.73
CA LYS A 601 7.64 14.68 52.06
C LYS A 601 6.79 13.98 50.97
N ARG A 602 5.88 14.73 50.37
CA ARG A 602 5.14 14.26 49.18
C ARG A 602 6.10 14.09 47.99
N VAL A 603 7.09 15.00 47.89
CA VAL A 603 8.02 15.04 46.75
C VAL A 603 9.15 13.99 46.82
N ILE A 604 9.24 13.23 47.93
CA ILE A 604 10.17 12.09 47.99
C ILE A 604 9.62 10.86 47.22
N GLU A 605 8.32 10.89 46.87
CA GLU A 605 7.73 9.87 46.00
C GLU A 605 7.84 10.23 44.51
N GLU A 606 8.31 11.44 44.23
CA GLU A 606 8.71 11.84 42.88
C GLU A 606 10.13 11.37 42.55
N ALA A 607 10.98 11.27 43.58
CA ALA A 607 12.33 10.70 43.43
C ALA A 607 12.32 9.17 43.27
N LYS A 608 11.19 8.55 43.59
CA LYS A 608 10.97 7.11 43.37
C LYS A 608 10.52 6.82 41.94
N LYS A 609 9.87 7.80 41.29
CA LYS A 609 9.44 7.65 39.89
C LYS A 609 10.62 7.37 38.95
N LEU A 610 11.64 8.24 38.96
CA LEU A 610 12.74 8.19 37.98
C LEU A 610 13.32 6.77 37.78
N PRO A 611 13.52 6.34 36.51
CA PRO A 611 14.00 4.98 36.17
C PRO A 611 15.34 4.51 36.79
N ASN A 612 16.10 5.40 37.45
CA ASN A 612 17.42 5.06 38.00
C ASN A 612 17.49 5.24 39.53
N VAL A 613 16.52 4.67 40.25
CA VAL A 613 16.41 4.83 41.71
C VAL A 613 16.15 3.51 42.44
N LYS A 630 16.01 19.55 49.21
CA LYS A 630 16.30 20.60 48.24
C LYS A 630 17.73 20.49 47.65
N LYS A 631 18.61 19.73 48.31
CA LYS A 631 20.05 19.61 47.95
C LYS A 631 20.49 18.16 47.71
N ILE A 632 20.38 17.32 48.74
CA ILE A 632 20.72 15.87 48.68
C ILE A 632 19.51 15.04 49.16
N LEU A 633 19.35 13.82 48.65
CA LEU A 633 18.30 12.89 49.11
C LEU A 633 18.87 11.47 49.26
N ASN A 634 19.60 11.26 50.35
CA ASN A 634 20.21 9.97 50.65
C ASN A 634 19.15 8.96 51.12
N PHE A 635 19.25 7.70 50.67
CA PHE A 635 18.37 6.61 51.12
C PHE A 635 19.17 5.54 51.87
N ILE A 636 19.31 5.72 53.18
CA ILE A 636 19.99 4.74 54.06
C ILE A 636 18.96 3.75 54.60
N ILE A 637 19.34 2.47 54.74
CA ILE A 637 18.46 1.45 55.34
C ILE A 637 18.27 1.69 56.84
N LEU B 1 -25.78 -6.83 -23.34
CA LEU B 1 -26.37 -7.67 -22.25
C LEU B 1 -25.30 -8.11 -21.22
N VAL B 2 -25.50 -7.63 -20.00
CA VAL B 2 -24.67 -7.96 -18.86
C VAL B 2 -25.09 -9.35 -18.35
N PRO B 3 -24.12 -10.26 -18.15
CA PRO B 3 -24.33 -11.53 -17.45
C PRO B 3 -25.05 -11.37 -16.10
N ARG B 4 -26.11 -12.16 -15.87
CA ARG B 4 -26.77 -12.22 -14.57
C ARG B 4 -27.42 -13.60 -14.42
N GLY B 5 -27.74 -13.95 -13.17
CA GLY B 5 -28.44 -15.19 -12.88
C GLY B 5 -27.70 -16.41 -13.42
N SER B 6 -28.39 -17.19 -14.23
CA SER B 6 -27.88 -18.47 -14.71
C SER B 6 -26.87 -18.25 -15.85
N HIS B 7 -26.63 -17.00 -16.22
CA HIS B 7 -25.66 -16.67 -17.23
C HIS B 7 -24.47 -15.94 -16.67
N MET B 8 -24.19 -16.08 -15.39
CA MET B 8 -23.05 -15.40 -14.79
C MET B 8 -22.38 -16.32 -13.81
N TYR B 9 -21.10 -16.05 -13.55
CA TYR B 9 -20.42 -16.56 -12.36
C TYR B 9 -19.99 -15.33 -11.51
N ASN B 10 -19.44 -15.57 -10.34
CA ASN B 10 -19.09 -14.53 -9.40
C ASN B 10 -17.72 -13.91 -9.76
N HIS B 11 -17.63 -13.31 -10.95
CA HIS B 11 -16.32 -12.85 -11.44
C HIS B 11 -15.75 -11.73 -10.60
N ASN B 12 -16.58 -10.81 -10.10
CA ASN B 12 -15.98 -9.68 -9.32
CA ASN B 12 -16.10 -9.66 -9.29
C ASN B 12 -15.44 -10.18 -8.01
N GLU B 13 -16.15 -11.08 -7.34
CA GLU B 13 -15.67 -11.60 -6.10
C GLU B 13 -14.36 -12.41 -6.26
N ILE B 14 -14.32 -13.28 -7.26
CA ILE B 14 -13.15 -14.10 -7.57
C ILE B 14 -11.92 -13.28 -7.96
N GLU B 15 -12.13 -12.25 -8.79
CA GLU B 15 -11.03 -11.36 -9.19
C GLU B 15 -10.46 -10.55 -8.04
N LYS B 16 -11.32 -9.95 -7.21
CA LYS B 16 -10.84 -9.23 -6.01
C LYS B 16 -10.12 -10.15 -5.07
N LYS B 17 -10.70 -11.33 -4.83
CA LYS B 17 -10.05 -12.33 -3.96
C LYS B 17 -8.63 -12.60 -4.40
N TRP B 18 -8.43 -12.86 -5.68
CA TRP B 18 -7.10 -13.29 -6.13
C TRP B 18 -6.14 -12.13 -6.24
N GLN B 19 -6.64 -10.94 -6.56
CA GLN B 19 -5.80 -9.74 -6.56
C GLN B 19 -5.24 -9.47 -5.18
N THR B 20 -6.06 -9.67 -4.17
CA THR B 20 -5.66 -9.49 -2.79
C THR B 20 -4.63 -10.54 -2.39
N ARG B 21 -4.86 -11.79 -2.76
CA ARG B 21 -3.90 -12.85 -2.43
C ARG B 21 -2.55 -12.61 -3.12
N TRP B 22 -2.54 -12.14 -4.36
CA TRP B 22 -1.29 -11.91 -5.05
C TRP B 22 -0.52 -10.86 -4.36
N GLU B 23 -1.21 -9.84 -3.84
CA GLU B 23 -0.55 -8.76 -3.11
C GLU B 23 0.01 -9.23 -1.77
N LYS B 24 -0.75 -10.03 -1.03
CA LYS B 24 -0.26 -10.55 0.26
C LYS B 24 0.92 -11.50 0.10
N THR B 25 0.86 -12.35 -0.91
CA THR B 25 1.90 -13.35 -1.11
C THR B 25 3.08 -12.81 -1.92
N LYS B 26 3.00 -11.58 -2.40
CA LYS B 26 4.10 -11.00 -3.23
C LYS B 26 4.36 -11.89 -4.45
N ALA B 27 3.26 -12.38 -5.03
CA ALA B 27 3.32 -13.36 -6.12
C ALA B 27 4.20 -12.92 -7.30
N PHE B 28 4.24 -11.62 -7.55
CA PHE B 28 4.87 -11.09 -8.76
C PHE B 28 6.24 -10.47 -8.52
N LYS B 29 6.73 -10.63 -7.31
CA LYS B 29 7.98 -10.06 -6.94
C LYS B 29 9.11 -10.57 -7.84
N THR B 30 9.93 -9.65 -8.32
CA THR B 30 11.09 -9.97 -9.14
C THR B 30 12.07 -10.81 -8.34
N THR B 31 12.39 -12.02 -8.81
CA THR B 31 13.38 -12.90 -8.17
C THR B 31 14.76 -12.79 -8.82
N ASN B 32 15.79 -13.22 -8.12
CA ASN B 32 17.12 -13.32 -8.73
C ASN B 32 17.79 -14.61 -8.24
N LYS B 33 17.15 -15.74 -8.55
CA LYS B 33 17.59 -17.06 -8.13
C LYS B 33 17.77 -18.06 -9.28
N SER B 34 18.03 -17.57 -10.50
CA SER B 34 18.25 -18.43 -11.66
C SER B 34 19.22 -17.79 -12.62
N LYS B 35 19.92 -18.61 -13.37
CA LYS B 35 20.71 -18.12 -14.49
C LYS B 35 19.77 -17.65 -15.61
N ASP B 36 18.54 -18.14 -15.62
CA ASP B 36 17.59 -17.79 -16.67
C ASP B 36 16.83 -16.52 -16.28
N LYS B 37 16.94 -15.48 -17.09
CA LYS B 37 16.19 -14.26 -16.81
C LYS B 37 15.38 -13.88 -18.03
N PHE B 38 14.26 -13.19 -17.78
CA PHE B 38 13.44 -12.67 -18.87
C PHE B 38 12.91 -11.29 -18.51
N TYR B 39 13.21 -10.33 -19.36
CA TYR B 39 12.77 -8.94 -19.22
C TYR B 39 11.70 -8.68 -20.27
N ALA B 40 10.46 -8.67 -19.79
CA ALA B 40 9.25 -8.46 -20.58
C ALA B 40 8.63 -7.10 -20.26
N LEU B 41 8.62 -6.21 -21.23
CA LEU B 41 8.33 -4.80 -20.99
C LEU B 41 7.22 -4.26 -21.86
N ASP B 42 6.29 -3.55 -21.20
CA ASP B 42 5.25 -2.77 -21.83
C ASP B 42 5.68 -1.33 -21.95
N MET B 43 5.28 -0.68 -23.03
CA MET B 43 5.41 0.74 -23.08
C MET B 43 4.52 1.39 -22.00
N PHE B 44 5.16 2.01 -21.03
CA PHE B 44 4.46 2.58 -19.87
C PHE B 44 3.57 3.73 -20.32
N PRO B 45 2.40 3.91 -19.67
CA PRO B 45 1.41 4.87 -20.16
C PRO B 45 1.62 6.28 -19.65
N TYR B 46 1.12 7.22 -20.43
CA TYR B 46 0.92 8.57 -19.99
C TYR B 46 -0.31 8.65 -19.08
N PRO B 47 -0.19 9.34 -17.97
CA PRO B 47 -1.41 9.74 -17.23
C PRO B 47 -2.00 10.99 -17.88
N SER B 48 -2.50 10.83 -19.09
CA SER B 48 -2.99 11.97 -19.88
C SER B 48 -4.49 11.91 -20.08
N GLY B 49 -5.17 11.18 -19.19
CA GLY B 49 -6.62 11.14 -19.13
C GLY B 49 -6.99 10.74 -17.71
N SER B 50 -8.31 10.60 -17.48
CA SER B 50 -8.77 10.16 -16.16
C SER B 50 -8.42 8.67 -15.96
N GLY B 51 -8.33 7.91 -17.05
CA GLY B 51 -8.00 6.48 -16.92
C GLY B 51 -7.55 5.85 -18.22
N LEU B 52 -7.37 4.53 -18.20
CA LEU B 52 -7.08 3.80 -19.46
C LEU B 52 -8.34 3.63 -20.29
N HIS B 53 -8.23 3.39 -21.59
CA HIS B 53 -9.30 2.81 -22.36
C HIS B 53 -8.95 1.37 -22.65
N VAL B 54 -9.87 0.65 -23.30
CA VAL B 54 -9.65 -0.76 -23.50
C VAL B 54 -8.56 -1.10 -24.51
N GLY B 55 -8.07 -0.12 -25.27
CA GLY B 55 -6.92 -0.39 -26.15
C GLY B 55 -5.62 -0.63 -25.39
N HIS B 56 -5.42 0.10 -24.29
CA HIS B 56 -4.16 0.04 -23.55
C HIS B 56 -3.81 -1.35 -23.09
N PRO B 57 -4.78 -2.10 -22.54
CA PRO B 57 -4.44 -3.48 -22.05
C PRO B 57 -4.13 -4.56 -23.09
N GLU B 58 -4.27 -4.25 -24.36
CA GLU B 58 -4.04 -5.29 -25.36
C GLU B 58 -2.57 -5.75 -25.31
N GLY B 59 -1.64 -4.80 -25.45
CA GLY B 59 -0.21 -5.11 -25.44
C GLY B 59 0.20 -5.62 -24.08
N TYR B 60 -0.46 -5.09 -23.04
CA TYR B 60 -0.14 -5.44 -21.65
C TYR B 60 -0.52 -6.91 -21.35
N THR B 61 -1.60 -7.38 -21.96
CA THR B 61 -2.02 -8.77 -21.84
C THR B 61 -1.00 -9.70 -22.50
N ALA B 62 -0.56 -9.31 -23.69
CA ALA B 62 0.42 -10.10 -24.47
C ALA B 62 1.69 -10.31 -23.65
N THR B 63 2.28 -9.24 -23.12
CA THR B 63 3.51 -9.39 -22.33
C THR B 63 3.24 -10.07 -21.00
N ASP B 64 2.03 -9.92 -20.44
CA ASP B 64 1.69 -10.60 -19.23
C ASP B 64 1.67 -12.13 -19.42
N ILE B 65 1.13 -12.59 -20.53
CA ILE B 65 1.08 -14.02 -20.85
C ILE B 65 2.50 -14.58 -20.89
N ILE B 66 3.39 -13.89 -21.61
CA ILE B 66 4.81 -14.33 -21.67
C ILE B 66 5.48 -14.28 -20.31
N SER B 67 5.19 -13.23 -19.53
CA SER B 67 5.78 -13.05 -18.22
C SER B 67 5.41 -14.22 -17.31
N ARG B 68 4.13 -14.52 -17.33
CA ARG B 68 3.58 -15.60 -16.50
C ARG B 68 4.07 -16.99 -16.95
N TYR B 69 4.10 -17.23 -18.25
CA TYR B 69 4.73 -18.43 -18.84
C TYR B 69 6.21 -18.57 -18.37
N LYS B 70 6.99 -17.51 -18.50
CA LYS B 70 8.38 -17.58 -18.11
C LYS B 70 8.54 -17.87 -16.61
N ARG B 71 7.67 -17.35 -15.76
CA ARG B 71 7.76 -17.71 -14.32
C ARG B 71 7.45 -19.21 -14.12
N LEU B 72 6.47 -19.72 -14.84
CA LEU B 72 6.13 -21.12 -14.73
C LEU B 72 7.29 -22.01 -15.24
N LYS B 73 8.13 -21.50 -16.15
CA LYS B 73 9.32 -22.21 -16.64
C LYS B 73 10.56 -21.92 -15.80
N GLY B 74 10.35 -21.34 -14.62
CA GLY B 74 11.42 -21.10 -13.67
C GLY B 74 12.33 -19.90 -13.89
N PHE B 75 12.01 -19.01 -14.83
CA PHE B 75 12.83 -17.81 -15.06
C PHE B 75 12.65 -16.80 -13.97
N ASP B 76 13.70 -16.03 -13.71
CA ASP B 76 13.54 -14.77 -13.00
C ASP B 76 12.92 -13.80 -13.99
N VAL B 77 11.88 -13.08 -13.60
CA VAL B 77 11.14 -12.23 -14.55
C VAL B 77 11.02 -10.79 -14.06
N LEU B 78 11.51 -9.87 -14.89
CA LEU B 78 11.31 -8.44 -14.66
C LEU B 78 10.18 -7.98 -15.59
N HIS B 79 9.10 -7.53 -14.99
CA HIS B 79 7.90 -7.12 -15.72
C HIS B 79 7.31 -5.95 -14.97
N PRO B 80 7.73 -4.74 -15.32
CA PRO B 80 7.40 -3.68 -14.46
C PRO B 80 6.52 -2.63 -15.16
N ILE B 81 5.91 -1.77 -14.36
CA ILE B 81 5.09 -0.67 -14.86
C ILE B 81 5.48 0.63 -14.13
N GLY B 82 5.08 1.73 -14.73
CA GLY B 82 5.42 3.07 -14.24
C GLY B 82 4.71 4.13 -15.04
N TRP B 83 5.08 5.39 -14.83
CA TRP B 83 4.25 6.52 -15.28
C TRP B 83 5.09 7.49 -16.09
N ASP B 84 4.72 7.65 -17.36
CA ASP B 84 5.43 8.53 -18.28
C ASP B 84 4.75 9.90 -18.18
N ALA B 85 5.18 10.65 -17.17
CA ALA B 85 4.33 11.67 -16.53
C ALA B 85 4.76 13.11 -16.77
N PHE B 86 5.88 13.30 -17.49
CA PHE B 86 6.37 14.65 -17.77
C PHE B 86 6.00 15.04 -19.21
N GLY B 87 6.15 16.32 -19.55
CA GLY B 87 5.93 16.76 -20.90
C GLY B 87 4.46 16.96 -21.24
N LEU B 88 4.17 17.12 -22.52
CA LEU B 88 2.88 17.57 -22.99
C LEU B 88 1.70 16.68 -22.65
N PRO B 89 1.85 15.33 -22.72
CA PRO B 89 0.62 14.56 -22.49
C PRO B 89 -0.03 14.85 -21.12
N ALA B 90 0.76 14.77 -20.04
CA ALA B 90 0.27 15.01 -18.73
C ALA B 90 -0.11 16.49 -18.57
N GLU B 91 0.71 17.38 -19.11
CA GLU B 91 0.52 18.80 -18.90
C GLU B 91 -0.77 19.31 -19.56
N GLN B 92 -0.99 18.89 -20.80
CA GLN B 92 -2.19 19.26 -21.56
C GLN B 92 -3.48 18.77 -20.92
N TYR B 93 -3.44 17.60 -20.33
CA TYR B 93 -4.64 17.12 -19.65
C TYR B 93 -4.90 17.94 -18.41
N ALA B 94 -3.85 18.32 -17.68
CA ALA B 94 -3.98 19.20 -16.56
C ALA B 94 -4.53 20.57 -17.03
N LEU B 95 -3.88 21.18 -18.00
CA LEU B 95 -4.32 22.50 -18.46
C LEU B 95 -5.76 22.49 -19.00
N SER B 96 -6.14 21.49 -19.78
CA SER B 96 -7.48 21.44 -20.31
C SER B 96 -8.55 21.13 -19.22
N SER B 97 -8.14 20.59 -18.07
CA SER B 97 -9.03 20.34 -16.95
C SER B 97 -9.01 21.48 -15.92
N GLY B 98 -8.24 22.54 -16.16
CA GLY B 98 -8.11 23.64 -15.19
C GLY B 98 -7.41 23.26 -13.92
N LYS B 99 -6.48 22.32 -13.99
CA LYS B 99 -5.83 21.81 -12.78
C LYS B 99 -4.32 22.02 -12.89
N HIS B 100 -3.63 22.05 -11.76
CA HIS B 100 -2.17 22.08 -11.77
C HIS B 100 -1.60 20.68 -11.97
N PRO B 101 -0.62 20.52 -12.86
CA PRO B 101 -0.14 19.17 -13.18
C PRO B 101 0.47 18.38 -12.01
N GLN B 102 0.93 19.04 -10.97
CA GLN B 102 1.57 18.33 -9.89
C GLN B 102 0.54 17.51 -9.06
N PRO B 103 -0.47 18.17 -8.47
CA PRO B 103 -1.46 17.32 -7.80
C PRO B 103 -2.27 16.43 -8.76
N PHE B 104 -2.58 16.91 -9.96
CA PHE B 104 -3.54 16.23 -10.84
C PHE B 104 -2.91 14.97 -11.44
N THR B 105 -1.61 15.04 -11.72
CA THR B 105 -0.91 13.91 -12.28
C THR B 105 -0.90 12.77 -11.26
N LEU B 106 -0.62 13.09 -10.00
CA LEU B 106 -0.66 12.12 -8.93
C LEU B 106 -2.06 11.51 -8.78
N LYS B 107 -3.09 12.34 -8.88
CA LYS B 107 -4.46 11.87 -8.72
C LYS B 107 -4.80 10.87 -9.82
N ASN B 108 -4.43 11.18 -11.06
CA ASN B 108 -4.71 10.28 -12.19
C ASN B 108 -3.89 9.00 -12.16
N ILE B 109 -2.63 9.10 -11.74
CA ILE B 109 -1.80 7.91 -11.57
C ILE B 109 -2.48 6.95 -10.58
N GLU B 110 -3.07 7.46 -9.50
CA GLU B 110 -3.78 6.53 -8.59
C GLU B 110 -4.86 5.75 -9.28
N ASN B 111 -5.63 6.40 -10.15
CA ASN B 111 -6.67 5.72 -10.89
C ASN B 111 -6.15 4.72 -11.91
N PHE B 112 -5.09 5.07 -12.63
CA PHE B 112 -4.45 4.14 -13.57
C PHE B 112 -3.98 2.88 -12.86
N ARG B 113 -3.34 3.06 -11.73
CA ARG B 113 -2.83 1.95 -10.96
C ARG B 113 -3.94 1.00 -10.45
N ARG B 114 -5.01 1.58 -9.92
CA ARG B 114 -6.20 0.79 -9.55
C ARG B 114 -6.69 -0.04 -10.73
N GLN B 115 -6.78 0.61 -11.87
CA GLN B 115 -7.25 -0.05 -13.06
C GLN B 115 -6.36 -1.25 -13.47
N LEU B 116 -5.06 -1.01 -13.46
CA LEU B 116 -4.12 -2.04 -13.84
C LEU B 116 -4.10 -3.22 -12.85
N LYS B 117 -4.19 -2.96 -11.55
CA LYS B 117 -4.35 -4.05 -10.57
C LYS B 117 -5.65 -4.79 -10.79
N SER B 118 -6.67 -4.08 -11.22
CA SER B 118 -7.96 -4.71 -11.46
C SER B 118 -7.94 -5.65 -12.68
N LEU B 119 -6.84 -5.62 -13.46
CA LEU B 119 -6.69 -6.45 -14.62
C LEU B 119 -5.74 -7.66 -14.35
N GLY B 120 -5.13 -7.69 -13.17
CA GLY B 120 -4.29 -8.80 -12.76
C GLY B 120 -2.99 -8.95 -13.54
N PHE B 121 -2.45 -7.84 -14.04
CA PHE B 121 -1.14 -7.86 -14.70
C PHE B 121 -0.09 -8.16 -13.65
N SER B 122 0.87 -9.00 -13.98
CA SER B 122 1.81 -9.49 -12.98
C SER B 122 3.00 -8.54 -12.76
N PHE B 123 2.69 -7.28 -12.54
CA PHE B 123 3.70 -6.27 -12.29
C PHE B 123 4.25 -6.39 -10.90
N ASP B 124 5.55 -6.18 -10.77
CA ASP B 124 6.14 -5.95 -9.45
C ASP B 124 6.06 -4.45 -9.15
N TYR B 125 5.07 -4.05 -8.33
CA TYR B 125 4.81 -2.62 -8.08
C TYR B 125 5.89 -1.96 -7.24
N GLU B 126 6.73 -2.75 -6.54
CA GLU B 126 7.90 -2.20 -5.87
CA GLU B 126 7.93 -2.24 -5.86
C GLU B 126 8.94 -1.64 -6.86
N LYS B 127 8.80 -1.97 -8.14
CA LYS B 127 9.67 -1.43 -9.18
C LYS B 127 9.07 -0.21 -9.94
N GLU B 128 7.94 0.31 -9.47
CA GLU B 128 7.34 1.49 -10.14
C GLU B 128 8.34 2.63 -10.29
N VAL B 129 8.27 3.35 -11.42
CA VAL B 129 8.97 4.60 -11.63
C VAL B 129 7.98 5.67 -12.08
N ASN B 130 8.29 6.90 -11.75
CA ASN B 130 7.49 8.07 -12.14
C ASN B 130 8.50 9.08 -12.62
N THR B 131 8.41 9.47 -13.90
CA THR B 131 9.42 10.31 -14.51
C THR B 131 9.46 11.72 -13.91
N THR B 132 8.39 12.07 -13.16
CA THR B 132 8.30 13.32 -12.45
C THR B 132 8.86 13.33 -11.03
N ASP B 133 9.22 12.17 -10.47
N ASP B 133 9.20 12.16 -10.47
CA ASP B 133 9.82 12.12 -9.14
CA ASP B 133 9.84 12.10 -9.16
C ASP B 133 11.24 12.68 -9.21
C ASP B 133 11.24 12.74 -9.26
N PRO B 134 11.56 13.67 -8.36
CA PRO B 134 12.91 14.23 -8.37
C PRO B 134 13.98 13.16 -8.24
N SER B 135 13.73 12.09 -7.50
CA SER B 135 14.78 11.06 -7.42
C SER B 135 15.01 10.33 -8.78
N TYR B 136 14.01 10.35 -9.66
CA TYR B 136 14.12 9.83 -11.01
C TYR B 136 14.76 10.85 -11.96
N TYR B 137 14.19 12.05 -12.05
CA TYR B 137 14.72 13.04 -12.96
C TYR B 137 16.09 13.64 -12.61
N ARG B 138 16.55 13.43 -11.37
CA ARG B 138 17.96 13.65 -11.04
CA ARG B 138 17.95 13.66 -11.04
C ARG B 138 18.80 12.94 -12.09
N TRP B 139 18.40 11.73 -12.47
CA TRP B 139 19.15 10.90 -13.40
C TRP B 139 18.89 11.24 -14.84
N THR B 140 17.68 11.65 -15.16
CA THR B 140 17.43 12.21 -16.47
C THR B 140 18.38 13.38 -16.75
N GLN B 141 18.50 14.27 -15.78
CA GLN B 141 19.40 15.39 -15.88
C GLN B 141 20.89 14.99 -15.91
N TRP B 142 21.25 14.01 -15.12
CA TRP B 142 22.62 13.48 -15.10
C TRP B 142 22.99 12.98 -16.46
N ILE B 143 22.09 12.23 -17.10
CA ILE B 143 22.31 11.73 -18.45
C ILE B 143 22.44 12.89 -19.43
N PHE B 144 21.55 13.88 -19.36
CA PHE B 144 21.72 15.06 -20.27
C PHE B 144 23.11 15.69 -20.10
N LYS B 145 23.58 15.78 -18.88
CA LYS B 145 24.89 16.41 -18.62
C LYS B 145 26.06 15.62 -19.24
N GLN B 146 25.95 14.30 -19.21
N GLN B 146 25.97 14.29 -19.18
CA GLN B 146 26.97 13.46 -19.79
CA GLN B 146 26.95 13.42 -19.84
C GLN B 146 26.90 13.56 -21.32
C GLN B 146 26.90 13.61 -21.34
N ILE B 147 25.70 13.75 -21.89
CA ILE B 147 25.54 13.98 -23.32
C ILE B 147 26.24 15.31 -23.68
N TYR B 148 26.00 16.33 -22.88
CA TYR B 148 26.65 17.63 -23.06
C TYR B 148 28.17 17.46 -23.00
N LYS B 149 28.67 16.83 -21.93
CA LYS B 149 30.12 16.64 -21.73
C LYS B 149 30.77 15.85 -22.87
N LYS B 150 29.99 15.01 -23.55
CA LYS B 150 30.49 14.32 -24.68
C LYS B 150 30.52 15.15 -25.96
N GLY B 151 30.04 16.39 -25.88
CA GLY B 151 30.00 17.27 -27.06
C GLY B 151 28.78 16.99 -27.91
N LEU B 152 27.76 16.33 -27.37
CA LEU B 152 26.59 15.92 -28.16
C LEU B 152 25.30 16.75 -27.88
N ALA B 153 25.43 17.84 -27.10
CA ALA B 153 24.32 18.77 -26.80
C ALA B 153 24.86 20.16 -26.92
N GLU B 154 24.20 21.00 -27.73
CA GLU B 154 24.56 22.41 -27.78
C GLU B 154 23.41 23.28 -28.20
N ILE B 155 23.55 24.58 -27.92
CA ILE B 155 22.58 25.58 -28.42
C ILE B 155 23.11 26.14 -29.70
N ARG B 156 22.38 25.96 -30.76
CA ARG B 156 22.78 26.55 -32.01
C ARG B 156 21.55 26.99 -32.81
N GLU B 157 21.79 27.87 -33.76
CA GLU B 157 20.72 28.34 -34.60
C GLU B 157 20.33 27.23 -35.55
N VAL B 158 19.07 26.82 -35.51
CA VAL B 158 18.60 25.79 -36.37
C VAL B 158 17.24 26.19 -36.91
N ASP B 159 16.83 25.56 -37.98
CA ASP B 159 15.47 25.74 -38.46
C ASP B 159 14.54 24.86 -37.63
N VAL B 160 13.81 25.49 -36.73
CA VAL B 160 12.94 24.71 -35.84
C VAL B 160 11.50 24.77 -36.36
N ASN B 161 10.65 23.92 -35.79
CA ASN B 161 9.22 23.97 -36.07
C ASN B 161 8.58 24.72 -34.93
N TRP B 162 8.12 25.94 -35.22
CA TRP B 162 7.51 26.78 -34.23
C TRP B 162 6.05 26.45 -34.26
N CYS B 163 5.46 26.23 -33.09
CA CYS B 163 4.03 25.85 -32.96
C CYS B 163 3.28 26.89 -32.12
N PRO B 164 2.70 27.90 -32.81
CA PRO B 164 2.07 29.00 -32.07
C PRO B 164 1.01 28.49 -31.08
N GLY B 165 0.30 27.44 -31.44
CA GLY B 165 -0.80 26.94 -30.59
C GLY B 165 -0.31 26.32 -29.32
N LEU B 166 0.94 25.84 -29.31
CA LEU B 166 1.54 25.28 -28.10
C LEU B 166 2.51 26.18 -27.40
N GLY B 167 2.81 27.33 -28.03
CA GLY B 167 3.78 28.23 -27.50
C GLY B 167 5.21 27.69 -27.41
N THR B 168 5.57 26.71 -28.25
CA THR B 168 6.88 26.06 -28.14
C THR B 168 7.39 25.60 -29.50
N VAL B 169 8.72 25.46 -29.63
CA VAL B 169 9.30 24.66 -30.70
C VAL B 169 8.92 23.17 -30.52
N LEU B 170 8.88 22.47 -31.63
CA LEU B 170 8.80 21.01 -31.66
C LEU B 170 9.90 20.41 -32.62
N ALA B 171 10.25 19.16 -32.38
CA ALA B 171 11.26 18.41 -33.15
C ALA B 171 10.63 17.97 -34.44
N ASN B 172 11.49 17.64 -35.39
CA ASN B 172 11.10 17.20 -36.71
C ASN B 172 10.33 15.93 -36.65
N GLU B 173 10.65 15.08 -35.70
CA GLU B 173 9.95 13.81 -35.54
C GLU B 173 8.52 13.97 -35.02
N GLU B 174 8.24 15.16 -34.47
CA GLU B 174 6.95 15.43 -33.82
C GLU B 174 5.97 16.14 -34.77
N ILE B 175 6.34 16.27 -36.04
CA ILE B 175 5.52 16.95 -37.09
C ILE B 175 5.11 15.92 -38.12
N VAL B 176 3.91 16.03 -38.70
CA VAL B 176 3.48 15.21 -39.80
C VAL B 176 2.76 16.10 -40.83
N GLU B 177 2.63 15.58 -42.03
CA GLU B 177 1.95 16.29 -43.11
C GLU B 177 0.48 15.89 -43.21
N ASN B 178 -0.46 16.84 -43.21
CA ASN B 178 -1.88 16.47 -43.33
C ASN B 178 -2.27 16.29 -44.81
N ASP B 179 -3.52 15.91 -45.07
CA ASP B 179 -4.07 15.77 -46.43
C ASP B 179 -3.78 16.91 -47.40
N LYS B 180 -3.68 18.14 -46.94
CA LYS B 180 -3.41 19.22 -47.87
C LYS B 180 -1.92 19.52 -47.97
N GLY B 181 -1.08 18.68 -47.36
CA GLY B 181 0.35 18.89 -47.39
C GLY B 181 0.81 19.97 -46.42
N GLU B 182 0.03 20.25 -45.39
CA GLU B 182 0.42 21.25 -44.39
C GLU B 182 1.05 20.50 -43.24
N MET B 183 2.01 21.14 -42.58
CA MET B 183 2.68 20.54 -41.44
C MET B 183 1.94 20.92 -40.13
N VAL B 184 1.68 19.90 -39.32
CA VAL B 184 1.03 20.02 -38.05
C VAL B 184 1.71 19.13 -37.01
N SER B 185 1.48 19.40 -35.73
CA SER B 185 1.99 18.56 -34.66
C SER B 185 1.29 17.20 -34.69
N GLU B 186 2.05 16.12 -34.54
N GLU B 186 2.08 16.14 -34.52
CA GLU B 186 1.46 14.79 -34.56
CA GLU B 186 1.61 14.75 -34.45
C GLU B 186 0.51 14.64 -33.37
C GLU B 186 0.57 14.63 -33.37
N ARG B 187 0.84 15.30 -32.26
CA ARG B 187 -0.06 15.39 -31.11
C ARG B 187 -0.82 16.71 -31.18
N GLY B 188 -2.14 16.61 -31.31
CA GLY B 188 -3.03 17.78 -31.30
C GLY B 188 -3.32 18.41 -32.66
N SER B 189 -2.50 18.07 -33.66
CA SER B 189 -2.65 18.63 -35.02
C SER B 189 -2.62 20.15 -35.07
N PHE B 190 -1.77 20.77 -34.28
CA PHE B 190 -1.59 22.23 -34.34
C PHE B 190 -0.71 22.60 -35.54
N PRO B 191 -1.09 23.62 -36.31
CA PRO B 191 -0.21 24.12 -37.37
C PRO B 191 1.17 24.51 -36.89
N VAL B 192 2.19 24.25 -37.71
CA VAL B 192 3.56 24.67 -37.35
C VAL B 192 4.22 25.30 -38.58
N TYR B 193 5.32 25.99 -38.40
CA TYR B 193 6.11 26.40 -39.53
C TYR B 193 7.55 26.55 -39.11
N LYS B 194 8.45 26.56 -40.10
CA LYS B 194 9.88 26.61 -39.84
C LYS B 194 10.28 28.01 -39.56
N LYS B 195 11.22 28.15 -38.63
CA LYS B 195 11.74 29.44 -38.19
C LYS B 195 13.19 29.20 -37.74
N PRO B 196 14.13 30.12 -38.05
CA PRO B 196 15.46 29.99 -37.47
C PRO B 196 15.47 30.48 -36.03
N MET B 197 15.87 29.62 -35.10
CA MET B 197 15.93 29.99 -33.69
C MET B 197 17.13 29.33 -33.01
N LYS B 198 17.74 30.01 -32.06
CA LYS B 198 18.81 29.37 -31.28
C LYS B 198 18.17 28.45 -30.28
N GLN B 199 18.39 27.16 -30.44
CA GLN B 199 17.82 26.15 -29.54
C GLN B 199 18.81 25.03 -29.16
N TRP B 200 18.55 24.38 -28.03
CA TRP B 200 19.20 23.11 -27.70
C TRP B 200 18.91 22.05 -28.70
N VAL B 201 19.97 21.44 -29.23
CA VAL B 201 19.84 20.25 -30.05
C VAL B 201 20.77 19.16 -29.53
N LEU B 202 20.35 17.93 -29.69
CA LEU B 202 21.19 16.76 -29.38
C LEU B 202 21.67 16.19 -30.70
N LYS B 203 22.94 15.87 -30.76
CA LYS B 203 23.62 15.48 -32.01
C LYS B 203 23.40 14.03 -32.36
N ILE B 204 22.14 13.70 -32.56
CA ILE B 204 21.75 12.39 -33.01
C ILE B 204 22.38 12.01 -34.38
N THR B 205 22.63 12.99 -35.26
CA THR B 205 23.32 12.77 -36.53
C THR B 205 24.68 12.03 -36.38
N ASN B 206 25.42 12.30 -35.32
CA ASN B 206 26.69 11.59 -35.02
C ASN B 206 26.55 10.09 -34.86
N TYR B 207 25.35 9.65 -34.46
CA TYR B 207 25.02 8.24 -34.25
C TYR B 207 24.24 7.66 -35.41
N ALA B 208 24.09 8.42 -36.49
CA ALA B 208 23.20 7.98 -37.59
C ALA B 208 23.61 6.65 -38.19
N ASP B 209 24.92 6.46 -38.51
CA ASP B 209 25.36 5.20 -39.15
C ASP B 209 25.12 4.01 -38.26
N ARG B 210 25.39 4.15 -36.98
CA ARG B 210 25.16 3.05 -36.02
C ARG B 210 23.66 2.80 -35.78
N LEU B 211 22.86 3.85 -35.64
CA LEU B 211 21.40 3.62 -35.51
C LEU B 211 20.87 2.87 -36.75
N LEU B 212 21.40 3.19 -37.94
CA LEU B 212 20.98 2.51 -39.15
C LEU B 212 21.47 1.07 -39.16
N GLU B 213 22.78 0.91 -39.00
CA GLU B 213 23.37 -0.39 -39.16
C GLU B 213 22.97 -1.38 -38.09
N ASP B 214 22.93 -0.92 -36.85
CA ASP B 214 22.59 -1.81 -35.77
C ASP B 214 21.15 -2.33 -35.81
N LEU B 215 20.30 -1.86 -36.71
CA LEU B 215 18.98 -2.51 -36.89
C LEU B 215 19.15 -3.99 -37.29
N ASN B 216 20.26 -4.30 -37.97
CA ASN B 216 20.58 -5.67 -38.33
C ASN B 216 20.79 -6.55 -37.11
N LEU B 217 21.08 -5.98 -35.93
CA LEU B 217 21.21 -6.76 -34.69
C LEU B 217 19.85 -7.16 -34.06
N LEU B 218 18.77 -6.58 -34.56
CA LEU B 218 17.48 -6.53 -33.83
C LEU B 218 16.39 -7.40 -34.43
N ASP B 219 15.68 -8.12 -33.58
CA ASP B 219 14.47 -8.81 -33.97
C ASP B 219 13.28 -7.86 -33.83
N TRP B 220 13.20 -6.95 -34.79
CA TRP B 220 12.16 -5.93 -34.82
C TRP B 220 11.37 -6.14 -36.09
N PRO B 221 10.11 -5.68 -36.14
CA PRO B 221 9.33 -5.81 -37.37
C PRO B 221 9.94 -5.07 -38.54
N ASP B 222 9.72 -5.62 -39.74
CA ASP B 222 10.23 -5.03 -40.98
C ASP B 222 9.76 -3.61 -41.17
N SER B 223 8.48 -3.39 -40.97
CA SER B 223 7.91 -2.05 -41.08
C SER B 223 8.57 -1.01 -40.17
N LEU B 224 8.89 -1.40 -38.93
CA LEU B 224 9.60 -0.49 -38.03
C LEU B 224 11.02 -0.21 -38.51
N LYS B 225 11.73 -1.24 -38.94
CA LYS B 225 13.09 -1.06 -39.51
C LYS B 225 13.05 -0.12 -40.73
N LYS B 226 12.04 -0.28 -41.57
CA LYS B 226 11.88 0.58 -42.74
C LYS B 226 11.62 2.07 -42.35
N LEU B 227 10.76 2.30 -41.36
CA LEU B 227 10.46 3.68 -40.93
C LEU B 227 11.70 4.35 -40.42
N GLN B 228 12.46 3.64 -39.60
CA GLN B 228 13.72 4.23 -39.12
C GLN B 228 14.77 4.43 -40.20
N THR B 229 14.87 3.46 -41.11
CA THR B 229 15.81 3.55 -42.24
C THR B 229 15.46 4.78 -43.08
N ASN B 230 14.18 4.93 -43.39
CA ASN B 230 13.73 6.04 -44.25
C ASN B 230 13.90 7.39 -43.61
N TRP B 231 13.69 7.44 -42.29
CA TRP B 231 13.85 8.69 -41.53
C TRP B 231 15.32 9.07 -41.45
N ILE B 232 16.19 8.09 -41.22
CA ILE B 232 17.63 8.37 -41.17
C ILE B 232 18.05 8.86 -42.59
N GLY B 233 17.59 8.13 -43.61
CA GLY B 233 17.71 8.59 -44.97
C GLY B 233 19.16 8.75 -45.45
N LYS B 234 20.01 7.80 -45.11
CA LYS B 234 21.41 7.82 -45.55
C LYS B 234 21.45 7.70 -47.07
N GLU B 235 22.19 8.58 -47.73
CA GLU B 235 22.41 8.50 -49.18
C GLU B 235 23.89 8.74 -49.54
N GLU B 236 24.35 8.01 -50.55
CA GLU B 236 25.68 8.13 -51.14
C GLU B 236 25.53 8.39 -52.62
N ILE B 237 25.81 9.62 -53.05
CA ILE B 237 25.65 10.00 -54.44
C ILE B 237 26.99 9.87 -55.20
N ASP B 238 27.93 10.78 -54.93
CA ASP B 238 29.24 10.78 -55.60
C ASP B 238 30.34 10.45 -54.60
N GLY B 239 30.22 9.29 -53.94
CA GLY B 239 31.00 9.04 -52.73
C GLY B 239 30.74 10.07 -51.63
N LYS B 240 29.70 10.88 -51.80
CA LYS B 240 29.31 11.92 -50.85
C LYS B 240 28.12 11.38 -50.02
N ILE B 241 28.27 11.42 -48.69
CA ILE B 241 27.27 10.85 -47.75
C ILE B 241 26.42 11.91 -47.07
N THR B 242 25.11 11.83 -47.25
CA THR B 242 24.18 12.73 -46.56
C THR B 242 23.12 11.94 -45.79
N TYR B 243 22.45 12.63 -44.88
CA TYR B 243 21.34 12.07 -44.10
C TYR B 243 20.19 13.04 -44.08
N LYS B 244 19.00 12.53 -44.27
CA LYS B 244 17.79 13.32 -44.03
C LYS B 244 17.60 13.63 -42.54
N LEU B 245 18.07 12.76 -41.65
CA LEU B 245 18.03 13.01 -40.22
C LEU B 245 18.74 14.32 -39.88
N GLN B 246 18.08 15.16 -39.09
CA GLN B 246 18.73 16.32 -38.52
C GLN B 246 18.85 16.14 -37.03
N ASP B 247 19.64 17.00 -36.42
CA ASP B 247 19.83 16.94 -35.01
C ASP B 247 18.51 17.26 -34.27
N TRP B 248 18.42 16.73 -33.06
CA TRP B 248 17.13 16.61 -32.34
C TRP B 248 16.86 17.86 -31.56
N ILE B 249 15.82 18.59 -31.97
CA ILE B 249 15.39 19.82 -31.28
C ILE B 249 14.79 19.43 -29.91
N PHE B 250 15.51 19.78 -28.83
CA PHE B 250 15.32 19.16 -27.54
C PHE B 250 14.64 20.05 -26.48
N ALA B 251 14.81 21.37 -26.51
CA ALA B 251 14.24 22.27 -25.49
C ALA B 251 12.78 22.57 -25.78
N ARG B 252 12.00 22.71 -24.72
CA ARG B 252 10.59 23.10 -24.88
C ARG B 252 10.32 24.33 -24.08
N GLN B 253 9.50 25.22 -24.64
CA GLN B 253 9.10 26.43 -23.91
C GLN B 253 7.80 26.15 -23.11
N ARG B 254 7.91 25.21 -22.17
CA ARG B 254 6.79 24.73 -21.36
C ARG B 254 7.23 24.59 -19.91
N TYR B 255 6.24 24.69 -19.00
CA TYR B 255 6.49 24.50 -17.61
C TYR B 255 6.76 23.03 -17.24
N TRP B 256 5.89 22.13 -17.65
CA TRP B 256 5.87 20.79 -17.11
C TRP B 256 6.89 19.89 -17.81
N GLY B 257 8.12 19.99 -17.34
CA GLY B 257 9.19 19.16 -17.85
C GLY B 257 10.41 19.30 -16.97
N GLU B 258 11.40 18.47 -17.23
CA GLU B 258 12.65 18.48 -16.44
C GLU B 258 13.38 19.78 -16.70
N PRO B 259 13.79 20.51 -15.65
CA PRO B 259 14.63 21.68 -15.97
C PRO B 259 15.98 21.26 -16.58
N PHE B 260 16.60 22.15 -17.33
CA PHE B 260 17.97 21.98 -17.81
C PHE B 260 18.84 22.42 -16.66
N PRO B 261 19.74 21.53 -16.20
CA PRO B 261 20.59 21.83 -15.04
C PRO B 261 21.79 22.67 -15.48
N VAL B 262 21.51 23.89 -15.95
CA VAL B 262 22.44 24.72 -16.69
C VAL B 262 22.25 26.18 -16.23
N TYR B 263 23.32 26.96 -16.19
CA TYR B 263 23.20 28.41 -16.12
C TYR B 263 24.21 29.06 -17.05
N PHE B 264 23.96 30.35 -17.33
CA PHE B 264 24.67 31.15 -18.31
C PHE B 264 25.22 32.42 -17.73
N ASP B 265 26.40 32.86 -18.17
CA ASP B 265 26.83 34.24 -17.85
C ASP B 265 26.36 35.23 -18.92
N GLU B 266 26.80 36.48 -18.81
CA GLU B 266 26.34 37.54 -19.71
C GLU B 266 26.89 37.34 -21.11
N ASP B 267 27.93 36.50 -21.25
CA ASP B 267 28.44 36.08 -22.56
C ASP B 267 27.84 34.77 -23.12
N ASN B 268 26.83 34.24 -22.45
CA ASN B 268 26.18 32.98 -22.84
C ASN B 268 27.11 31.76 -22.78
N ASN B 269 28.15 31.81 -21.96
CA ASN B 269 28.88 30.59 -21.62
C ASN B 269 27.98 29.70 -20.79
N VAL B 270 28.05 28.38 -21.05
CA VAL B 270 27.22 27.39 -20.37
C VAL B 270 28.00 26.86 -19.17
N TYR B 271 27.34 26.76 -18.03
CA TYR B 271 27.88 26.08 -16.85
C TYR B 271 26.87 25.00 -16.41
N LEU B 272 27.36 23.89 -15.88
CA LEU B 272 26.49 22.79 -15.45
C LEU B 272 26.34 22.78 -13.95
N ILE B 273 25.15 22.45 -13.49
CA ILE B 273 24.88 22.31 -12.07
C ILE B 273 24.98 20.83 -11.75
N ASP B 274 25.77 20.54 -10.72
CA ASP B 274 26.05 19.14 -10.38
C ASP B 274 24.85 18.43 -9.78
N GLU B 275 24.21 19.09 -8.86
CA GLU B 275 23.11 18.50 -8.17
C GLU B 275 21.81 18.58 -8.99
N LEU B 276 20.87 17.72 -8.62
CA LEU B 276 19.48 17.84 -9.04
C LEU B 276 19.02 19.28 -9.08
N VAL B 277 18.40 19.70 -10.18
CA VAL B 277 17.71 20.96 -10.22
C VAL B 277 16.20 20.68 -10.34
N GLU B 278 15.47 20.88 -9.24
CA GLU B 278 14.02 20.62 -9.22
C GLU B 278 13.24 21.69 -9.97
N LEU B 279 12.13 21.28 -10.61
CA LEU B 279 11.17 22.20 -11.21
C LEU B 279 10.49 22.94 -10.03
N PRO B 280 10.57 24.28 -10.01
CA PRO B 280 10.02 24.99 -8.87
C PRO B 280 8.53 25.03 -9.01
N HIS B 281 7.80 24.91 -7.93
CA HIS B 281 6.33 25.07 -7.96
C HIS B 281 5.97 26.48 -8.37
N MET B 282 5.09 26.62 -9.33
CA MET B 282 4.59 27.92 -9.79
C MET B 282 3.14 27.70 -10.14
N GLU B 283 2.39 28.80 -10.13
CA GLU B 283 1.02 28.82 -10.61
C GLU B 283 0.92 29.42 -11.97
N ASN B 284 1.81 30.36 -12.29
CA ASN B 284 1.78 30.97 -13.62
C ASN B 284 2.52 30.07 -14.63
N ILE B 285 1.82 29.08 -15.14
CA ILE B 285 2.45 27.99 -15.90
C ILE B 285 1.98 27.98 -17.34
N MET B 286 1.12 28.93 -17.71
CA MET B 286 0.58 28.91 -19.05
C MET B 286 1.63 29.34 -20.04
N PRO B 287 1.66 28.66 -21.19
CA PRO B 287 2.62 29.03 -22.25
C PRO B 287 2.25 30.36 -22.93
N SER B 288 3.27 31.12 -23.33
CA SER B 288 3.18 32.56 -23.61
C SER B 288 3.49 33.02 -25.04
N GLY B 289 3.85 32.13 -25.96
CA GLY B 289 4.04 32.56 -27.35
C GLY B 289 5.23 33.47 -27.62
N THR B 290 6.03 33.77 -26.61
CA THR B 290 7.10 34.73 -26.75
C THR B 290 8.38 34.09 -27.27
N GLY B 291 8.47 32.78 -27.25
CA GLY B 291 9.75 32.15 -27.52
C GLY B 291 10.49 31.80 -26.27
N GLU B 292 9.92 32.13 -25.12
CA GLU B 292 10.47 31.64 -23.84
C GLU B 292 9.42 30.89 -23.04
N GLY B 293 9.88 29.98 -22.19
CA GLY B 293 8.98 29.15 -21.40
C GLY B 293 8.50 29.88 -20.19
N PRO B 294 7.43 29.36 -19.53
CA PRO B 294 6.94 30.03 -18.33
C PRO B 294 7.94 30.18 -17.21
N LEU B 295 8.97 29.35 -17.17
CA LEU B 295 9.95 29.49 -16.08
C LEU B 295 10.65 30.86 -16.13
N ALA B 296 10.71 31.49 -17.30
CA ALA B 296 11.36 32.78 -17.48
C ALA B 296 10.72 33.92 -16.69
N THR B 297 9.48 33.75 -16.23
CA THR B 297 8.83 34.77 -15.39
C THR B 297 9.15 34.61 -13.90
N ASN B 298 9.79 33.52 -13.51
CA ASN B 298 10.10 33.30 -12.11
C ASN B 298 11.46 33.93 -11.82
N THR B 299 11.43 35.26 -11.68
CA THR B 299 12.65 36.04 -11.54
C THR B 299 13.59 35.53 -10.45
N GLU B 300 13.02 35.22 -9.30
CA GLU B 300 13.84 34.79 -8.17
C GLU B 300 14.54 33.44 -8.46
N TRP B 301 13.87 32.56 -9.18
CA TRP B 301 14.43 31.25 -9.51
C TRP B 301 15.49 31.39 -10.58
N VAL B 302 15.22 32.19 -11.62
CA VAL B 302 16.10 32.35 -12.78
C VAL B 302 17.43 33.02 -12.42
N GLN B 303 17.39 33.93 -11.45
CA GLN B 303 18.62 34.59 -10.99
C GLN B 303 19.43 33.60 -10.20
N TYR B 304 20.55 33.18 -10.75
CA TYR B 304 21.35 32.14 -10.13
C TYR B 304 22.59 32.78 -9.50
N LYS B 305 22.61 32.82 -8.18
CA LYS B 305 23.67 33.49 -7.43
C LYS B 305 24.74 32.47 -7.12
N LYS B 306 25.95 32.72 -7.62
CA LYS B 306 27.09 31.88 -7.29
C LYS B 306 28.38 32.71 -7.23
N ASN B 307 29.14 32.52 -6.15
CA ASN B 307 30.39 33.28 -5.91
C ASN B 307 30.19 34.79 -6.00
N ASN B 308 29.18 35.30 -5.30
CA ASN B 308 28.86 36.73 -5.32
C ASN B 308 28.70 37.30 -6.72
N LYS B 309 28.20 36.47 -7.63
CA LYS B 309 27.90 36.89 -9.00
C LYS B 309 26.49 36.38 -9.34
N ILE B 310 25.87 36.96 -10.36
CA ILE B 310 24.51 36.60 -10.73
C ILE B 310 24.54 36.06 -12.15
N PHE B 311 24.12 34.81 -12.29
CA PHE B 311 23.94 34.19 -13.59
C PHE B 311 22.44 33.99 -13.88
N LYS B 312 22.15 33.42 -15.04
CA LYS B 312 20.80 33.19 -15.50
C LYS B 312 20.60 31.67 -15.77
N ARG B 313 19.67 31.04 -15.04
CA ARG B 313 19.31 29.65 -15.31
C ARG B 313 18.72 29.49 -16.68
N ASP B 314 18.90 28.29 -17.25
CA ASP B 314 18.11 27.92 -18.40
C ASP B 314 16.63 27.95 -18.04
N THR B 315 15.80 28.50 -18.91
CA THR B 315 14.36 28.63 -18.62
C THR B 315 13.48 27.71 -19.48
N ASN B 316 14.11 26.84 -20.28
CA ASN B 316 13.38 25.81 -21.02
C ASN B 316 13.27 24.51 -20.23
N THR B 317 12.49 23.56 -20.75
CA THR B 317 12.40 22.24 -20.10
C THR B 317 12.58 21.15 -21.11
N MET B 318 12.96 19.96 -20.65
CA MET B 318 13.16 18.85 -21.56
C MET B 318 11.80 18.27 -22.01
N PRO B 319 11.76 17.63 -23.19
CA PRO B 319 10.50 17.04 -23.70
C PRO B 319 10.15 15.73 -23.01
N GLN B 320 8.93 15.28 -23.24
CA GLN B 320 8.39 14.06 -22.66
C GLN B 320 9.27 12.84 -22.90
N TRP B 321 10.09 12.92 -23.95
CA TRP B 321 10.95 11.81 -24.36
C TRP B 321 12.12 11.60 -23.47
N ALA B 322 12.54 12.63 -22.76
CA ALA B 322 13.76 12.56 -21.90
C ALA B 322 13.58 11.47 -20.86
N GLY B 323 12.41 11.45 -20.20
CA GLY B 323 12.13 10.41 -19.24
C GLY B 323 11.96 8.99 -19.78
N SER B 324 11.28 8.86 -20.91
CA SER B 324 11.10 7.60 -21.56
C SER B 324 12.34 7.10 -22.34
N CYS B 325 13.34 7.93 -22.51
CA CYS B 325 14.58 7.50 -23.15
C CYS B 325 15.37 6.48 -22.33
N TRP B 326 15.20 6.44 -21.01
CA TRP B 326 16.00 5.53 -20.17
C TRP B 326 15.20 4.81 -19.12
N TYR B 327 13.87 4.84 -19.18
CA TYR B 327 13.09 4.23 -18.10
C TYR B 327 13.28 2.73 -17.88
N TYR B 328 13.57 2.02 -18.94
CA TYR B 328 13.91 0.60 -18.93
C TYR B 328 15.17 0.30 -18.10
N LEU B 329 16.01 1.32 -17.92
CA LEU B 329 17.18 1.20 -17.07
C LEU B 329 16.75 1.51 -15.64
N ALA B 330 15.94 2.56 -15.46
CA ALA B 330 15.44 2.95 -14.14
C ALA B 330 14.78 1.80 -13.42
N TYR B 331 14.06 0.94 -14.15
CA TYR B 331 13.42 -0.18 -13.50
C TYR B 331 14.45 -1.11 -12.82
N ILE B 332 15.61 -1.27 -13.45
CA ILE B 332 16.64 -2.16 -12.90
C ILE B 332 17.33 -1.47 -11.75
N MET B 333 17.49 -0.14 -11.85
CA MET B 333 18.08 0.63 -10.75
C MET B 333 17.17 0.74 -9.50
N LYS B 334 15.86 0.65 -9.70
CA LYS B 334 14.88 0.94 -8.63
C LYS B 334 15.03 -0.07 -7.49
N GLN B 335 15.17 0.42 -6.27
CA GLN B 335 15.31 -0.43 -5.08
C GLN B 335 14.03 -0.43 -4.24
N GLU B 336 13.95 -1.38 -3.32
CA GLU B 336 12.82 -1.54 -2.39
C GLU B 336 12.53 -0.31 -1.54
N ASP B 337 13.57 0.39 -1.11
CA ASP B 337 13.41 1.56 -0.25
C ASP B 337 12.98 2.82 -1.01
N GLY B 338 12.58 2.68 -2.28
CA GLY B 338 12.21 3.85 -3.09
C GLY B 338 13.39 4.62 -3.73
N THR B 339 14.62 4.18 -3.50
CA THR B 339 15.79 4.89 -4.05
C THR B 339 16.25 4.20 -5.33
N TYR B 340 17.18 4.85 -6.05
CA TYR B 340 17.76 4.30 -7.27
C TYR B 340 19.26 4.07 -7.04
N LEU B 341 19.76 2.90 -7.45
CA LEU B 341 21.20 2.70 -7.53
C LEU B 341 21.76 3.77 -8.46
N PRO B 342 22.89 4.42 -8.09
CA PRO B 342 23.45 5.36 -9.09
C PRO B 342 23.71 4.68 -10.42
N ILE B 343 23.38 5.38 -11.49
CA ILE B 343 23.37 4.77 -12.83
C ILE B 343 24.74 4.29 -13.22
N ASP B 344 25.76 4.98 -12.71
CA ASP B 344 27.14 4.62 -13.02
C ASP B 344 27.82 3.78 -11.94
N SER B 345 27.08 3.33 -10.94
CA SER B 345 27.63 2.50 -9.89
C SER B 345 27.92 1.10 -10.44
N LYS B 346 28.87 0.45 -9.78
CA LYS B 346 29.24 -0.93 -10.06
C LYS B 346 28.00 -1.86 -9.96
N LYS B 347 27.23 -1.65 -8.91
CA LYS B 347 26.01 -2.41 -8.70
C LYS B 347 24.97 -2.23 -9.80
N ALA B 348 24.82 -1.02 -10.34
CA ALA B 348 23.93 -0.83 -11.48
C ALA B 348 24.44 -1.58 -12.74
N TYR B 349 25.74 -1.52 -13.00
CA TYR B 349 26.30 -2.16 -14.16
C TYR B 349 26.05 -3.65 -14.07
N GLU B 350 26.28 -4.22 -12.90
CA GLU B 350 26.02 -5.64 -12.65
C GLU B 350 24.54 -5.99 -12.85
N ALA B 351 23.63 -5.16 -12.32
CA ALA B 351 22.19 -5.40 -12.50
C ALA B 351 21.86 -5.28 -13.99
N PHE B 352 22.42 -4.26 -14.66
CA PHE B 352 22.26 -4.14 -16.12
C PHE B 352 22.76 -5.37 -16.87
N SER B 353 23.88 -5.93 -16.42
CA SER B 353 24.43 -7.10 -17.12
C SER B 353 23.55 -8.30 -16.98
N LYS B 354 22.89 -8.46 -15.86
CA LYS B 354 21.89 -9.51 -15.67
C LYS B 354 20.65 -9.34 -16.56
N TRP B 355 20.07 -8.15 -16.54
CA TRP B 355 18.72 -7.91 -17.11
C TRP B 355 18.61 -7.49 -18.54
N LEU B 356 19.60 -6.76 -19.06
CA LEU B 356 19.57 -6.24 -20.43
C LEU B 356 20.06 -7.28 -21.41
N PRO B 357 19.65 -7.19 -22.68
CA PRO B 357 18.66 -6.25 -23.19
C PRO B 357 17.26 -6.70 -22.81
N VAL B 358 16.29 -5.80 -22.98
CA VAL B 358 14.91 -6.19 -22.89
C VAL B 358 14.65 -7.32 -23.89
N ASP B 359 14.10 -8.42 -23.41
CA ASP B 359 13.88 -9.61 -24.22
C ASP B 359 12.64 -9.51 -25.07
N LEU B 360 11.59 -8.88 -24.57
CA LEU B 360 10.36 -8.65 -25.33
C LEU B 360 9.80 -7.31 -24.96
N TYR B 361 9.72 -6.39 -25.92
CA TYR B 361 9.15 -5.07 -25.75
C TYR B 361 7.94 -5.00 -26.67
N ILE B 362 6.79 -4.60 -26.14
CA ILE B 362 5.57 -4.44 -26.93
C ILE B 362 5.00 -3.06 -26.70
N GLY B 363 4.75 -2.40 -27.81
CA GLY B 363 4.11 -1.12 -27.79
C GLY B 363 3.90 -0.63 -29.19
N GLY B 364 3.20 0.50 -29.31
CA GLY B 364 2.72 0.99 -30.59
C GLY B 364 3.74 1.51 -31.62
N GLN B 365 3.45 1.25 -32.88
N GLN B 365 3.46 1.25 -32.90
CA GLN B 365 4.31 1.69 -33.98
CA GLN B 365 4.32 1.70 -34.00
C GLN B 365 4.43 3.21 -34.06
C GLN B 365 4.40 3.23 -34.11
N GLU B 366 3.47 3.93 -33.47
CA GLU B 366 3.46 5.38 -33.49
C GLU B 366 4.75 5.98 -32.93
N HIS B 367 5.49 5.21 -32.14
CA HIS B 367 6.79 5.61 -31.61
C HIS B 367 7.99 5.35 -32.50
N ALA B 368 7.74 4.92 -33.74
CA ALA B 368 8.81 4.47 -34.68
C ALA B 368 10.00 5.44 -34.82
N VAL B 369 9.74 6.74 -35.03
CA VAL B 369 10.78 7.77 -35.10
C VAL B 369 10.79 8.72 -33.90
N LEU B 370 10.07 8.38 -32.83
CA LEU B 370 10.07 9.16 -31.61
C LEU B 370 10.81 8.31 -30.55
N HIS B 371 10.08 7.78 -29.55
CA HIS B 371 10.70 7.01 -28.50
C HIS B 371 11.62 5.90 -28.98
N LEU B 372 11.18 5.14 -30.00
CA LEU B 372 11.94 3.96 -30.46
C LEU B 372 13.25 4.31 -31.16
N LEU B 373 13.36 5.56 -31.61
CA LEU B 373 14.60 6.08 -32.15
C LEU B 373 15.44 6.80 -31.06
N TYR B 374 14.81 7.73 -30.36
CA TYR B 374 15.48 8.47 -29.32
C TYR B 374 16.08 7.63 -28.21
N ALA B 375 15.35 6.61 -27.79
CA ALA B 375 15.84 5.72 -26.73
C ALA B 375 17.10 4.97 -27.18
N ARG B 376 17.15 4.58 -28.47
CA ARG B 376 18.28 3.81 -28.98
C ARG B 376 19.50 4.74 -29.02
N PHE B 377 19.27 6.00 -29.39
CA PHE B 377 20.30 7.05 -29.35
C PHE B 377 20.88 7.23 -27.92
N TRP B 378 20.03 7.43 -26.90
CA TRP B 378 20.54 7.58 -25.54
C TRP B 378 21.23 6.32 -25.11
N HIS B 379 20.68 5.16 -25.42
CA HIS B 379 21.28 3.92 -25.02
C HIS B 379 22.71 3.79 -25.56
N LYS B 380 22.91 4.13 -26.83
CA LYS B 380 24.25 4.02 -27.48
C LYS B 380 25.26 4.98 -26.87
N ILE B 381 24.82 6.18 -26.48
CA ILE B 381 25.68 7.10 -25.70
C ILE B 381 26.11 6.46 -24.38
N LEU B 382 25.17 5.88 -23.66
CA LEU B 382 25.54 5.23 -22.39
C LEU B 382 26.47 4.02 -22.61
N TYR B 383 26.24 3.31 -23.70
CA TYR B 383 27.14 2.20 -24.11
C TYR B 383 28.58 2.77 -24.32
N ASP B 384 28.68 3.85 -25.07
CA ASP B 384 29.98 4.49 -25.33
C ASP B 384 30.66 4.96 -24.08
N LEU B 385 29.89 5.36 -23.07
CA LEU B 385 30.42 5.79 -21.80
C LEU B 385 30.64 4.62 -20.82
N LYS B 386 30.37 3.39 -21.21
CA LYS B 386 30.57 2.22 -20.35
C LYS B 386 29.61 2.13 -19.20
N ILE B 387 28.44 2.78 -19.34
CA ILE B 387 27.36 2.75 -18.32
C ILE B 387 26.44 1.54 -18.50
N VAL B 388 26.18 1.15 -19.74
CA VAL B 388 25.41 -0.03 -20.02
C VAL B 388 26.24 -1.01 -20.86
N PRO B 389 26.03 -2.33 -20.66
CA PRO B 389 26.81 -3.37 -21.33
C PRO B 389 26.36 -3.76 -22.75
N THR B 390 25.17 -3.37 -23.21
CA THR B 390 24.71 -3.86 -24.48
C THR B 390 24.67 -2.72 -25.47
N LYS B 391 24.80 -3.04 -26.75
CA LYS B 391 24.73 -2.01 -27.77
C LYS B 391 23.29 -1.50 -27.96
N GLU B 392 22.31 -2.35 -27.69
CA GLU B 392 20.90 -2.02 -27.94
C GLU B 392 20.05 -2.23 -26.68
N PRO B 393 18.97 -1.42 -26.54
CA PRO B 393 18.12 -1.57 -25.36
C PRO B 393 17.08 -2.72 -25.45
N PHE B 394 16.47 -2.87 -26.61
CA PHE B 394 15.32 -3.74 -26.80
C PHE B 394 15.63 -4.74 -27.91
N GLN B 395 15.82 -6.00 -27.56
CA GLN B 395 16.27 -6.99 -28.53
C GLN B 395 15.16 -7.39 -29.49
N LYS B 396 13.96 -7.57 -28.94
CA LYS B 396 12.79 -7.92 -29.72
C LYS B 396 11.61 -6.99 -29.42
N LEU B 397 11.04 -6.44 -30.48
CA LEU B 397 9.93 -5.52 -30.38
C LEU B 397 8.81 -6.08 -31.20
N ILE B 398 7.59 -6.07 -30.64
CA ILE B 398 6.37 -6.29 -31.41
C ILE B 398 5.47 -5.04 -31.23
N ASN B 399 4.88 -4.61 -32.32
CA ASN B 399 3.95 -3.52 -32.35
C ASN B 399 2.54 -4.13 -32.39
N GLN B 400 1.85 -4.14 -31.25
CA GLN B 400 0.47 -4.62 -31.19
C GLN B 400 -0.37 -3.78 -32.12
N GLY B 401 -1.33 -4.40 -32.77
CA GLY B 401 -2.23 -3.63 -33.63
C GLY B 401 -3.22 -2.82 -32.80
N MET B 402 -3.64 -1.68 -33.32
CA MET B 402 -4.58 -0.81 -32.61
C MET B 402 -5.93 -1.48 -32.50
N ILE B 403 -6.49 -1.44 -31.31
CA ILE B 403 -7.92 -1.69 -31.12
C ILE B 403 -8.68 -0.47 -31.59
N LEU B 404 -9.66 -0.70 -32.45
CA LEU B 404 -10.45 0.37 -33.02
C LEU B 404 -11.80 0.48 -32.32
N GLY B 405 -12.33 1.69 -32.34
CA GLY B 405 -13.70 1.93 -31.87
C GLY B 405 -14.68 1.33 -32.84
N LYS B 406 -15.96 1.39 -32.50
CA LYS B 406 -16.99 0.90 -33.42
C LYS B 406 -17.14 1.85 -34.62
N ASP B 407 -16.69 3.09 -34.49
CA ASP B 407 -16.58 3.95 -35.64
C ASP B 407 -15.43 3.56 -36.62
N GLY B 408 -14.78 2.41 -36.40
CA GLY B 408 -13.63 1.99 -37.23
C GLY B 408 -12.35 2.81 -37.14
N GLN B 409 -12.31 3.85 -36.31
CA GLN B 409 -11.05 4.56 -36.07
C GLN B 409 -10.29 3.99 -34.85
N LYS B 410 -8.97 4.20 -34.81
CA LYS B 410 -8.16 3.89 -33.63
C LYS B 410 -8.88 4.40 -32.37
N MET B 411 -8.94 3.54 -31.35
CA MET B 411 -9.56 3.94 -30.09
C MET B 411 -8.66 4.93 -29.38
N SER B 412 -9.23 6.11 -29.09
CA SER B 412 -8.48 7.14 -28.40
C SER B 412 -9.45 8.20 -27.85
N LYS B 413 -9.05 8.74 -26.70
CA LYS B 413 -9.85 9.74 -26.01
C LYS B 413 -10.12 10.89 -26.96
N SER B 414 -9.09 11.31 -27.71
CA SER B 414 -9.26 12.44 -28.62
C SER B 414 -10.29 12.20 -29.76
N LEU B 415 -10.52 10.95 -30.16
CA LEU B 415 -11.53 10.73 -31.20
C LEU B 415 -12.93 10.45 -30.60
N GLY B 416 -13.03 10.38 -29.28
CA GLY B 416 -14.34 10.16 -28.64
C GLY B 416 -14.96 8.80 -28.92
N ASN B 417 -14.13 7.79 -29.17
CA ASN B 417 -14.62 6.42 -29.44
C ASN B 417 -14.15 5.37 -28.38
N VAL B 418 -13.90 5.81 -27.14
CA VAL B 418 -13.39 4.90 -26.08
C VAL B 418 -14.51 3.98 -25.56
N VAL B 419 -14.15 2.75 -25.20
CA VAL B 419 -14.94 1.93 -24.32
C VAL B 419 -14.16 1.92 -23.00
N ASN B 420 -14.89 2.06 -21.89
CA ASN B 420 -14.28 2.21 -20.57
C ASN B 420 -14.03 0.83 -19.98
N PRO B 421 -12.78 0.60 -19.60
CA PRO B 421 -12.46 -0.71 -19.09
C PRO B 421 -13.11 -1.00 -17.75
N ASP B 422 -13.43 0.03 -16.97
CA ASP B 422 -14.05 -0.18 -15.66
C ASP B 422 -15.40 -0.87 -15.85
N GLU B 423 -16.09 -0.48 -16.90
CA GLU B 423 -17.39 -1.02 -17.21
C GLU B 423 -17.30 -2.50 -17.61
N ILE B 424 -16.41 -2.82 -18.55
CA ILE B 424 -16.17 -4.20 -18.96
C ILE B 424 -15.72 -5.07 -17.76
N ILE B 425 -14.83 -4.53 -16.94
CA ILE B 425 -14.31 -5.26 -15.81
C ILE B 425 -15.42 -5.50 -14.75
N GLN B 426 -16.26 -4.50 -14.47
CA GLN B 426 -17.37 -4.74 -13.57
CA GLN B 426 -17.43 -4.67 -13.61
C GLN B 426 -18.37 -5.72 -14.19
N ASN B 427 -18.73 -5.54 -15.45
CA ASN B 427 -19.81 -6.35 -16.04
C ASN B 427 -19.42 -7.76 -16.50
N PHE B 428 -18.18 -7.91 -16.98
CA PHE B 428 -17.72 -9.20 -17.50
C PHE B 428 -16.50 -9.77 -16.79
N GLY B 429 -15.65 -8.89 -16.28
CA GLY B 429 -14.49 -9.31 -15.53
C GLY B 429 -13.24 -9.09 -16.35
N ALA B 430 -12.13 -8.87 -15.63
CA ALA B 430 -10.81 -8.79 -16.23
C ALA B 430 -10.44 -10.04 -17.05
N ASP B 431 -10.83 -11.23 -16.60
CA ASP B 431 -10.46 -12.42 -17.37
C ASP B 431 -11.06 -12.39 -18.79
N THR B 432 -12.32 -11.98 -18.87
CA THR B 432 -12.99 -11.85 -20.17
C THR B 432 -12.31 -10.78 -20.99
N LEU B 433 -11.98 -9.65 -20.39
CA LEU B 433 -11.40 -8.55 -21.15
C LEU B 433 -10.08 -9.09 -21.77
N ARG B 434 -9.27 -9.75 -20.95
CA ARG B 434 -7.98 -10.28 -21.43
C ARG B 434 -8.11 -11.36 -22.49
N VAL B 435 -8.99 -12.32 -22.26
CA VAL B 435 -9.18 -13.40 -23.23
C VAL B 435 -9.72 -12.81 -24.52
N TYR B 436 -10.70 -11.92 -24.40
CA TYR B 436 -11.30 -11.31 -25.58
C TYR B 436 -10.28 -10.54 -26.41
N GLU B 437 -9.46 -9.73 -25.79
CA GLU B 437 -8.55 -8.92 -26.57
C GLU B 437 -7.55 -9.77 -27.37
N MET B 438 -7.15 -10.90 -26.81
CA MET B 438 -6.26 -11.82 -27.51
C MET B 438 -7.00 -12.63 -28.59
N PHE B 439 -8.27 -12.96 -28.35
CA PHE B 439 -9.10 -13.69 -29.30
C PHE B 439 -9.56 -12.84 -30.48
N MET B 440 -9.49 -11.51 -30.39
CA MET B 440 -9.99 -10.63 -31.47
C MET B 440 -9.32 -10.91 -32.82
N GLY B 441 -8.07 -11.32 -32.78
CA GLY B 441 -7.31 -11.53 -33.99
C GLY B 441 -5.85 -11.66 -33.67
N PRO B 442 -5.02 -11.80 -34.70
CA PRO B 442 -3.59 -11.84 -34.45
C PRO B 442 -3.18 -10.57 -33.71
N LEU B 443 -2.27 -10.70 -32.78
CA LEU B 443 -1.83 -9.54 -31.99
C LEU B 443 -1.45 -8.31 -32.82
N THR B 444 -0.69 -8.51 -33.90
CA THR B 444 -0.23 -7.39 -34.73
C THR B 444 -1.29 -6.79 -35.64
N ASP B 445 -2.42 -7.48 -35.83
CA ASP B 445 -3.52 -6.92 -36.64
C ASP B 445 -4.31 -5.80 -35.92
N THR B 446 -4.87 -4.89 -36.69
CA THR B 446 -5.82 -3.94 -36.15
C THR B 446 -7.13 -4.69 -36.00
N LYS B 447 -7.96 -4.30 -35.05
CA LYS B 447 -9.16 -5.09 -34.68
C LYS B 447 -10.18 -4.14 -34.16
N LYS B 448 -11.43 -4.33 -34.52
CA LYS B 448 -12.48 -3.45 -34.08
C LYS B 448 -13.22 -4.05 -32.89
N TRP B 449 -13.47 -3.23 -31.85
CA TRP B 449 -14.20 -3.70 -30.67
C TRP B 449 -15.56 -4.23 -31.04
N ASN B 450 -15.98 -5.32 -30.41
CA ASN B 450 -17.29 -5.95 -30.71
C ASN B 450 -17.94 -6.54 -29.45
N GLU B 451 -19.02 -5.89 -29.00
CA GLU B 451 -19.76 -6.26 -27.78
C GLU B 451 -20.22 -7.71 -27.76
N SER B 452 -20.72 -8.24 -28.87
CA SER B 452 -21.28 -9.58 -28.79
C SER B 452 -20.17 -10.61 -28.71
N THR B 453 -19.00 -10.28 -29.23
CA THR B 453 -17.87 -11.20 -29.03
C THR B 453 -17.40 -11.15 -27.59
N VAL B 454 -17.50 -9.97 -26.96
CA VAL B 454 -17.20 -9.89 -25.52
C VAL B 454 -18.12 -10.85 -24.74
N GLU B 455 -19.43 -10.74 -24.99
CA GLU B 455 -20.43 -11.61 -24.35
C GLU B 455 -20.12 -13.10 -24.59
N ALA B 456 -19.76 -13.45 -25.83
CA ALA B 456 -19.46 -14.83 -26.18
C ALA B 456 -18.22 -15.30 -25.45
N THR B 457 -17.24 -14.40 -25.23
CA THR B 457 -16.05 -14.75 -24.48
C THR B 457 -16.39 -15.05 -23.03
N TYR B 458 -17.18 -14.18 -22.39
CA TYR B 458 -17.68 -14.45 -21.04
C TYR B 458 -18.39 -15.81 -20.98
N LYS B 459 -19.25 -16.11 -21.95
CA LYS B 459 -19.98 -17.42 -21.95
C LYS B 459 -19.01 -18.59 -21.96
N TRP B 460 -17.96 -18.47 -22.80
CA TRP B 460 -16.92 -19.51 -22.87
C TRP B 460 -16.27 -19.70 -21.54
N ILE B 461 -15.88 -18.62 -20.86
CA ILE B 461 -15.26 -18.78 -19.51
C ILE B 461 -16.18 -19.47 -18.52
N LEU B 462 -17.46 -19.13 -18.57
CA LEU B 462 -18.45 -19.80 -17.74
C LEU B 462 -18.54 -21.33 -18.04
N ARG B 463 -18.48 -21.69 -19.33
CA ARG B 463 -18.43 -23.07 -19.80
C ARG B 463 -17.17 -23.82 -19.30
N VAL B 464 -16.05 -23.10 -19.19
CA VAL B 464 -14.84 -23.68 -18.60
C VAL B 464 -15.08 -23.97 -17.15
N LYS B 465 -15.60 -22.99 -16.42
CA LYS B 465 -15.81 -23.16 -15.00
C LYS B 465 -16.76 -24.32 -14.73
N ARG B 466 -17.74 -24.47 -15.60
CA ARG B 466 -18.76 -25.48 -15.40
C ARG B 466 -18.27 -26.88 -15.76
N ILE B 467 -17.32 -27.02 -16.69
CA ILE B 467 -16.78 -28.38 -16.98
C ILE B 467 -15.87 -28.83 -15.84
N PHE B 468 -15.09 -27.90 -15.29
CA PHE B 468 -14.29 -28.19 -14.12
C PHE B 468 -15.17 -28.66 -12.97
N GLN B 469 -16.28 -27.95 -12.72
CA GLN B 469 -17.22 -28.35 -11.66
C GLN B 469 -17.77 -29.79 -11.87
N ILE B 470 -18.09 -30.14 -13.11
CA ILE B 470 -18.64 -31.45 -13.43
C ILE B 470 -17.67 -32.54 -12.94
N PHE B 471 -16.41 -32.44 -13.33
CA PHE B 471 -15.40 -33.47 -12.99
C PHE B 471 -14.87 -33.43 -11.60
N ILE B 472 -14.88 -32.25 -11.00
CA ILE B 472 -14.37 -32.12 -9.67
C ILE B 472 -15.38 -32.45 -8.59
N GLU B 473 -16.64 -32.06 -8.76
CA GLU B 473 -17.64 -32.23 -7.68
C GLU B 473 -18.22 -33.65 -7.59
N ASP B 474 -17.99 -34.46 -8.61
CA ASP B 474 -18.51 -35.84 -8.66
C ASP B 474 -17.32 -36.77 -8.92
N LYS B 475 -16.84 -37.35 -7.85
CA LYS B 475 -15.66 -38.22 -7.88
C LYS B 475 -15.83 -39.46 -8.74
N SER B 476 -17.08 -39.85 -9.01
CA SER B 476 -17.33 -40.98 -9.93
C SER B 476 -16.95 -40.60 -11.38
N LYS B 477 -16.76 -39.32 -11.67
CA LYS B 477 -16.39 -38.94 -13.01
C LYS B 477 -14.88 -39.09 -13.25
N ILE B 478 -14.13 -39.40 -12.20
CA ILE B 478 -12.68 -39.63 -12.30
C ILE B 478 -12.31 -41.04 -11.84
N ASN B 479 -11.60 -41.76 -12.69
CA ASN B 479 -11.30 -43.18 -12.45
C ASN B 479 -10.01 -43.53 -13.18
N SER B 480 -8.95 -43.83 -12.45
CA SER B 480 -7.68 -44.25 -13.09
C SER B 480 -7.80 -45.43 -14.04
N LEU B 481 -8.79 -46.31 -13.82
CA LEU B 481 -8.88 -47.51 -14.66
C LEU B 481 -9.60 -47.22 -15.96
N HIS B 482 -10.25 -46.05 -16.08
CA HIS B 482 -10.90 -45.68 -17.34
C HIS B 482 -9.81 -45.43 -18.33
N LYS B 483 -9.93 -45.96 -19.55
CA LYS B 483 -8.88 -45.86 -20.58
C LYS B 483 -9.45 -45.15 -21.78
N ASP B 484 -8.67 -44.25 -22.34
CA ASP B 484 -9.08 -43.43 -23.45
C ASP B 484 -7.78 -42.89 -24.08
N ASP B 485 -7.21 -43.70 -24.98
CA ASP B 485 -5.89 -43.41 -25.56
C ASP B 485 -5.92 -42.11 -26.33
N GLN B 486 -7.00 -41.88 -27.07
CA GLN B 486 -7.18 -40.63 -27.82
C GLN B 486 -7.12 -39.41 -26.89
N PHE B 487 -7.70 -39.54 -25.70
CA PHE B 487 -7.73 -38.43 -24.77
C PHE B 487 -6.34 -38.16 -24.22
N ILE B 488 -5.60 -39.22 -23.92
CA ILE B 488 -4.23 -39.06 -23.43
C ILE B 488 -3.35 -38.36 -24.47
N SER B 489 -3.59 -38.69 -25.73
CA SER B 489 -2.87 -38.04 -26.83
C SER B 489 -3.29 -36.58 -26.92
N GLU B 490 -4.58 -36.33 -26.87
CA GLU B 490 -5.10 -34.95 -26.90
C GLU B 490 -4.46 -34.07 -25.80
N HIS B 491 -4.39 -34.62 -24.59
CA HIS B 491 -3.83 -33.96 -23.44
C HIS B 491 -2.39 -33.61 -23.66
N ASN B 492 -1.57 -34.60 -24.00
CA ASN B 492 -0.17 -34.33 -24.29
C ASN B 492 0.03 -33.34 -25.43
N LEU B 493 -0.74 -33.48 -26.49
CA LEU B 493 -0.61 -32.60 -27.63
C LEU B 493 -1.08 -31.17 -27.29
N LEU B 494 -2.06 -31.04 -26.40
CA LEU B 494 -2.55 -29.72 -26.01
C LEU B 494 -1.41 -28.94 -25.41
N ILE B 495 -0.69 -29.58 -24.47
CA ILE B 495 0.43 -28.93 -23.80
C ILE B 495 1.50 -28.50 -24.80
N LYS B 496 1.80 -29.39 -25.75
CA LYS B 496 2.80 -29.15 -26.78
C LYS B 496 2.40 -27.99 -27.65
N GLU B 497 1.16 -28.01 -28.12
CA GLU B 497 0.72 -26.99 -29.03
C GLU B 497 0.50 -25.60 -28.38
N ILE B 498 -0.03 -25.57 -27.17
CA ILE B 498 -0.27 -24.30 -26.50
C ILE B 498 1.09 -23.63 -26.23
N THR B 499 2.08 -24.46 -25.91
CA THR B 499 3.43 -24.00 -25.63
C THR B 499 3.99 -23.30 -26.84
N GLN B 500 3.86 -23.96 -27.99
CA GLN B 500 4.31 -23.43 -29.26
C GLN B 500 3.57 -22.13 -29.61
N ASP B 501 2.25 -22.10 -29.40
CA ASP B 501 1.47 -20.90 -29.70
C ASP B 501 1.90 -19.68 -28.83
N ILE B 502 2.23 -19.93 -27.57
CA ILE B 502 2.66 -18.89 -26.66
C ILE B 502 4.02 -18.40 -27.13
N GLU B 503 4.90 -19.34 -27.47
CA GLU B 503 6.22 -19.00 -27.95
C GLU B 503 6.14 -18.13 -29.20
N ASP B 504 5.20 -18.44 -30.06
CA ASP B 504 5.02 -17.69 -31.28
C ASP B 504 4.16 -16.43 -31.13
N LEU B 505 3.69 -16.14 -29.92
CA LEU B 505 2.81 -14.99 -29.69
C LEU B 505 1.50 -15.09 -30.46
N LYS B 506 1.02 -16.31 -30.68
CA LYS B 506 -0.19 -16.54 -31.46
C LYS B 506 -1.35 -16.83 -30.50
N PHE B 507 -1.76 -15.81 -29.79
CA PHE B 507 -2.66 -16.00 -28.67
C PHE B 507 -4.10 -16.26 -29.10
N ASN B 508 -4.55 -15.71 -30.21
CA ASN B 508 -5.90 -16.07 -30.69
C ASN B 508 -6.00 -17.58 -30.96
N ILE B 509 -5.00 -18.11 -31.64
CA ILE B 509 -4.87 -19.54 -31.93
C ILE B 509 -4.79 -20.39 -30.65
N MET B 510 -4.04 -19.93 -29.66
CA MET B 510 -3.97 -20.64 -28.39
C MET B 510 -5.38 -20.82 -27.74
N ILE B 511 -6.13 -19.74 -27.74
CA ILE B 511 -7.49 -19.77 -27.22
C ILE B 511 -8.36 -20.76 -28.03
N SER B 512 -8.32 -20.71 -29.35
CA SER B 512 -9.03 -21.71 -30.19
C SER B 512 -8.72 -23.15 -29.77
N LYS B 513 -7.45 -23.44 -29.53
CA LYS B 513 -7.12 -24.80 -29.14
C LYS B 513 -7.65 -25.15 -27.76
N LEU B 514 -7.65 -24.19 -26.83
CA LEU B 514 -8.23 -24.43 -25.50
C LEU B 514 -9.74 -24.73 -25.63
N MET B 515 -10.40 -24.03 -26.53
CA MET B 515 -11.82 -24.21 -26.69
C MET B 515 -12.11 -25.64 -27.21
N ILE B 516 -11.26 -26.12 -28.13
CA ILE B 516 -11.45 -27.41 -28.77
C ILE B 516 -11.27 -28.48 -27.72
N PHE B 517 -10.30 -28.30 -26.84
CA PHE B 517 -10.09 -29.23 -25.78
C PHE B 517 -11.26 -29.27 -24.79
N VAL B 518 -11.84 -28.10 -24.51
CA VAL B 518 -13.03 -28.07 -23.64
C VAL B 518 -14.16 -28.83 -24.35
N ASN B 519 -14.31 -28.64 -25.65
CA ASN B 519 -15.34 -29.32 -26.41
C ASN B 519 -15.19 -30.82 -26.23
N SER B 520 -13.95 -31.27 -26.15
CA SER B 520 -13.69 -32.68 -26.02
C SER B 520 -14.01 -33.17 -24.62
N LEU B 521 -13.72 -32.37 -23.59
CA LEU B 521 -14.06 -32.74 -22.22
C LEU B 521 -15.56 -32.87 -22.02
N TYR B 522 -16.34 -32.03 -22.67
CA TYR B 522 -17.77 -32.12 -22.58
C TYR B 522 -18.32 -33.41 -23.19
N LYS B 523 -17.52 -34.13 -24.01
CA LYS B 523 -17.96 -35.43 -24.56
C LYS B 523 -17.56 -36.61 -23.66
N LYS B 524 -16.76 -36.38 -22.64
CA LYS B 524 -16.26 -37.46 -21.84
C LYS B 524 -17.16 -37.84 -20.69
N GLU B 525 -17.49 -39.13 -20.59
CA GLU B 525 -18.28 -39.64 -19.47
C GLU B 525 -17.42 -39.71 -18.23
N LYS B 526 -16.16 -40.06 -18.40
CA LYS B 526 -15.18 -40.01 -17.32
C LYS B 526 -13.83 -39.69 -17.91
N ILE B 527 -12.90 -39.32 -17.04
CA ILE B 527 -11.50 -39.17 -17.43
C ILE B 527 -10.64 -39.83 -16.38
N TYR B 528 -9.40 -40.15 -16.75
CA TYR B 528 -8.58 -41.02 -15.89
C TYR B 528 -8.08 -40.36 -14.66
N SER B 529 -8.03 -39.03 -14.71
CA SER B 529 -7.38 -38.26 -13.71
C SER B 529 -7.76 -36.75 -13.79
N LEU B 530 -7.56 -36.05 -12.70
CA LEU B 530 -7.66 -34.57 -12.68
C LEU B 530 -6.46 -33.84 -13.36
N LYS B 531 -5.40 -34.58 -13.71
CA LYS B 531 -4.19 -33.93 -14.20
C LYS B 531 -4.41 -33.11 -15.46
N PRO B 532 -5.20 -33.63 -16.41
CA PRO B 532 -5.45 -32.77 -17.55
C PRO B 532 -6.09 -31.40 -17.15
N LEU B 533 -6.92 -31.37 -16.09
CA LEU B 533 -7.63 -30.14 -15.70
C LEU B 533 -6.64 -29.23 -14.99
N LYS B 534 -5.77 -29.81 -14.16
CA LYS B 534 -4.67 -29.06 -13.55
C LYS B 534 -3.78 -28.42 -14.60
N ASP B 535 -3.39 -29.17 -15.62
CA ASP B 535 -2.55 -28.65 -16.63
C ASP B 535 -3.26 -27.55 -17.42
N PHE B 536 -4.54 -27.76 -17.72
CA PHE B 536 -5.31 -26.74 -18.44
C PHE B 536 -5.33 -25.45 -17.61
N ALA B 537 -5.55 -25.56 -16.31
CA ALA B 537 -5.67 -24.36 -15.49
C ALA B 537 -4.34 -23.60 -15.37
N ILE B 538 -3.23 -24.33 -15.24
CA ILE B 538 -1.89 -23.73 -15.20
C ILE B 538 -1.63 -22.92 -16.46
N MET B 539 -1.92 -23.49 -17.62
CA MET B 539 -1.67 -22.85 -18.88
C MET B 539 -2.66 -21.69 -19.11
N PHE B 540 -3.90 -21.89 -18.70
CA PHE B 540 -4.92 -20.86 -18.92
C PHE B 540 -4.63 -19.65 -18.01
N SER B 541 -3.90 -19.86 -16.93
CA SER B 541 -3.60 -18.82 -15.97
C SER B 541 -2.81 -17.67 -16.59
N THR B 542 -2.10 -17.95 -17.67
CA THR B 542 -1.29 -16.94 -18.34
C THR B 542 -2.17 -15.85 -18.93
N ILE B 543 -3.36 -16.21 -19.38
CA ILE B 543 -4.30 -15.28 -20.01
C ILE B 543 -5.47 -14.91 -19.11
N ALA B 544 -5.94 -15.88 -18.31
CA ALA B 544 -7.09 -15.71 -17.42
C ALA B 544 -6.74 -16.08 -16.01
N PRO B 545 -5.83 -15.31 -15.37
CA PRO B 545 -5.23 -15.74 -14.10
C PRO B 545 -6.21 -15.88 -12.90
N HIS B 546 -7.25 -15.05 -12.84
CA HIS B 546 -8.14 -15.10 -11.64
C HIS B 546 -8.92 -16.40 -11.61
N ILE B 547 -9.69 -16.66 -12.66
CA ILE B 547 -10.48 -17.90 -12.71
C ILE B 547 -9.54 -19.12 -12.66
N SER B 548 -8.36 -19.01 -13.26
CA SER B 548 -7.42 -20.14 -13.25
C SER B 548 -6.93 -20.47 -11.85
N GLU B 549 -6.60 -19.46 -11.03
CA GLU B 549 -6.28 -19.70 -9.64
C GLU B 549 -7.48 -20.34 -8.91
N GLU B 550 -8.69 -19.84 -9.21
CA GLU B 550 -9.88 -20.34 -8.56
C GLU B 550 -10.02 -21.85 -8.87
N LEU B 551 -9.83 -22.21 -10.14
CA LEU B 551 -9.94 -23.61 -10.56
C LEU B 551 -8.85 -24.51 -9.95
N LEU B 552 -7.64 -24.02 -9.89
CA LEU B 552 -6.57 -24.75 -9.23
C LEU B 552 -6.89 -25.00 -7.76
N GLU B 553 -7.38 -23.97 -7.09
CA GLU B 553 -7.74 -24.10 -5.67
C GLU B 553 -8.82 -25.18 -5.54
N SER B 554 -9.86 -25.15 -6.37
CA SER B 554 -10.93 -26.14 -6.25
C SER B 554 -10.44 -27.57 -6.61
N LEU B 555 -9.35 -27.68 -7.36
CA LEU B 555 -8.66 -28.96 -7.58
C LEU B 555 -7.82 -29.43 -6.39
N GLY B 556 -7.68 -28.59 -5.37
CA GLY B 556 -6.86 -28.93 -4.23
C GLY B 556 -5.39 -28.69 -4.48
N GLU B 557 -5.03 -27.97 -5.56
CA GLU B 557 -3.62 -27.74 -5.87
C GLU B 557 -3.14 -26.44 -5.27
N LYS B 558 -1.82 -26.25 -5.38
CA LYS B 558 -1.19 -25.05 -4.89
C LYS B 558 -1.39 -23.89 -5.87
N GLU B 559 -1.15 -22.69 -5.38
CA GLU B 559 -1.35 -21.50 -6.19
C GLU B 559 -0.37 -21.45 -7.32
N ILE B 560 -0.71 -20.65 -8.33
CA ILE B 560 0.13 -20.50 -9.53
C ILE B 560 1.61 -20.17 -9.23
N MET B 561 1.87 -19.31 -8.25
CA MET B 561 3.25 -18.93 -7.96
C MET B 561 4.15 -20.11 -7.58
N PHE B 562 3.55 -21.20 -7.11
CA PHE B 562 4.27 -22.44 -6.81
C PHE B 562 4.19 -23.53 -7.87
N GLN B 563 3.60 -23.25 -9.03
CA GLN B 563 3.45 -24.26 -10.05
C GLN B 563 4.57 -24.19 -11.09
N SER B 564 4.62 -25.21 -11.96
CA SER B 564 5.54 -25.24 -13.08
C SER B 564 4.71 -25.51 -14.30
N TRP B 565 5.27 -25.14 -15.43
CA TRP B 565 4.66 -25.39 -16.68
C TRP B 565 4.51 -26.89 -16.92
N PRO B 566 3.38 -27.32 -17.48
CA PRO B 566 3.23 -28.78 -17.57
C PRO B 566 4.19 -29.41 -18.55
N THR B 567 4.55 -30.66 -18.27
CA THR B 567 5.39 -31.43 -19.19
C THR B 567 4.52 -32.37 -20.03
N TYR B 568 5.02 -32.79 -21.18
CA TYR B 568 4.29 -33.74 -22.02
C TYR B 568 5.27 -34.79 -22.54
N GLU B 569 4.72 -35.90 -23.05
CA GLU B 569 5.53 -36.97 -23.63
C GLU B 569 5.13 -37.13 -25.08
N ASN B 570 6.07 -36.81 -25.96
CA ASN B 570 5.87 -36.99 -27.40
C ASN B 570 5.37 -38.41 -27.79
N ASN B 571 5.81 -39.41 -27.02
CA ASN B 571 5.31 -40.80 -27.03
C ASN B 571 3.84 -41.01 -27.21
N LYS B 572 3.07 -40.21 -26.49
CA LYS B 572 1.67 -40.49 -26.26
C LYS B 572 0.81 -39.77 -27.25
N ILE B 573 1.44 -38.97 -28.11
CA ILE B 573 0.71 -38.27 -29.16
C ILE B 573 0.56 -39.19 -30.36
N LEU B 574 -0.68 -39.54 -30.69
CA LEU B 574 -1.02 -40.33 -31.87
C LEU B 574 -0.89 -39.51 -33.16
N LEU B 575 -0.70 -40.17 -34.29
CA LEU B 575 -0.27 -39.52 -35.54
C LEU B 575 -1.25 -38.53 -36.16
C1 LSS C . -12.46 -3.37 18.93
N1 LSS C . -14.54 7.08 20.99
O1 LSS C . -12.85 -2.77 19.95
S1 LSS C . -13.41 -1.60 17.45
C2 LSS C . -13.27 6.70 21.14
N2 LSS C . -12.66 -2.93 17.67
O2 LSS C . -12.50 1.55 22.20
N3 LSS C . -12.83 5.47 20.83
O3 LSS C . -10.05 0.82 21.16
C4 LSS C . -13.68 4.54 20.33
N4 LSS C . -11.49 -5.20 17.67
O4 LSS C . -11.73 2.16 18.79
C5 LSS C . -15.01 4.87 20.14
O5 LSS C . -12.78 -0.41 18.20
C6 LSS C . -15.47 6.22 20.48
N6 LSS C . -16.76 6.61 20.30
C7 LSS C . -9.72 -5.86 20.10
N7 LSS C . -15.62 3.78 19.61
C8 LSS C . -14.68 2.78 19.51
C9 LSS C . -10.40 -4.51 19.79
N9 LSS C . -13.51 3.27 19.92
CA LSS C . -11.73 -4.69 19.01
C10 LSS C . -8.32 -5.62 20.71
C11 LSS C . -10.56 -6.70 21.08
O1A LSS C . -14.75 -1.59 18.00
C21 LSS C . -12.24 2.57 20.03
C22 LSS C . -12.43 1.27 20.81
C23 LSS C . -11.20 0.49 20.37
C24 LSS C . -10.99 0.95 18.93
C25 LSS C . -11.45 -0.08 17.90
O2A LSS C . -13.42 -1.31 16.03
C1 GOL D . -30.51 -24.53 23.05
O1 GOL D . -30.25 -25.55 24.01
C2 GOL D . -31.95 -24.75 22.61
O2 GOL D . -31.95 -25.21 21.28
C3 GOL D . -32.71 -23.43 22.70
O3 GOL D . -34.11 -23.64 22.69
C1 GOL E . 6.86 8.23 27.06
O1 GOL E . 7.88 7.27 26.76
C2 GOL E . 5.41 7.77 26.91
O2 GOL E . 4.64 8.66 27.70
C3 GOL E . 5.08 6.38 27.46
O3 GOL E . 3.68 6.22 27.85
C1 GOL F . -8.92 -29.01 6.09
O1 GOL F . -8.65 -27.60 6.05
C2 GOL F . -8.52 -29.70 7.40
O2 GOL F . -7.11 -29.66 7.63
C3 GOL F . -8.80 -31.20 7.41
O3 GOL F . -8.94 -31.69 8.75
C1 GOL G . -20.25 -10.87 21.48
O1 GOL G . -20.04 -10.29 22.76
C2 GOL G . -19.12 -11.84 21.06
O2 GOL G . -18.77 -11.63 19.67
C3 GOL G . -19.56 -13.32 21.29
O3 GOL G . -18.52 -14.32 21.18
C1 GOL H . -12.58 -17.18 4.55
O1 GOL H . -12.45 -15.83 4.10
C2 GOL H . -11.60 -17.35 5.68
O2 GOL H . -10.37 -16.99 5.08
C3 GOL H . -11.53 -18.79 6.15
O3 GOL H . -10.37 -19.44 5.59
C1 LSS I . 2.69 5.93 -24.49
N1 LSS I . -5.06 -0.14 -29.16
O1 LSS I . 2.51 5.65 -25.67
S1 LSS I . 0.22 5.62 -23.96
C2 LSS I . -4.00 -0.82 -28.73
N2 LSS I . 1.69 5.94 -23.58
O2 LSS I . 0.55 2.08 -28.39
N3 LSS I . -2.99 -0.28 -28.00
O3 LSS I . 2.07 0.90 -26.42
C4 LSS I . -3.00 1.04 -27.75
N4 LSS I . 3.96 6.82 -22.64
O4 LSS I . -0.80 1.59 -25.16
C5 LSS I . -4.08 1.83 -28.14
O5 LSS I . 0.05 4.23 -24.57
C6 LSS I . -5.17 1.19 -28.88
N6 LSS I . -6.24 1.92 -29.27
C7 LSS I . 6.55 5.52 -23.99
N7 LSS I . -3.88 3.10 -27.74
C8 LSS I . -2.68 3.11 -27.10
C9 LSS I . 5.09 5.20 -24.27
N9 LSS I . -2.16 1.85 -27.11
CA LSS I . 4.07 6.36 -24.03
C10 LSS I . 7.39 4.25 -24.05
C11 LSS I . 7.13 6.49 -25.02
O1A LSS I . -0.23 6.46 -24.99
C21 LSS I . -0.87 1.42 -26.55
C22 LSS I . 0.24 2.32 -27.05
C23 LSS I . 1.35 2.08 -26.08
C24 LSS I . 0.55 1.89 -24.79
C25 LSS I . 0.59 3.11 -23.88
O2A LSS I . -0.56 5.68 -22.75
C1 GOL J . 9.14 -14.14 -26.73
O1 GOL J . 9.06 -13.51 -28.02
C2 GOL J . 9.36 -15.62 -26.89
O2 GOL J . 8.07 -16.21 -26.81
C3 GOL J . 10.28 -16.17 -25.82
O3 GOL J . 9.81 -17.45 -25.40
C1 GOL K . 8.92 32.70 -31.65
O1 GOL K . 10.25 33.22 -31.85
C2 GOL K . 8.02 33.90 -31.93
O2 GOL K . 7.73 34.59 -30.74
C3 GOL K . 6.71 33.49 -32.56
O3 GOL K . 6.10 34.69 -33.01
C1 GOL L . 19.00 24.16 -8.35
O1 GOL L . 20.30 24.76 -8.40
C2 GOL L . 18.59 23.48 -7.05
O2 GOL L . 19.43 22.35 -6.90
C3 GOL L . 17.07 23.20 -7.17
O3 GOL L . 16.58 21.94 -6.69
C1 GOL M . 4.51 16.22 -28.60
O1 GOL M . 4.85 15.69 -29.90
C2 GOL M . 5.69 16.18 -27.65
O2 GOL M . 5.29 15.96 -26.31
C3 GOL M . 6.43 17.51 -27.69
O3 GOL M . 7.71 17.36 -27.13
C1 GOL N . 6.08 17.74 -9.10
O1 GOL N . 4.98 16.81 -9.19
C2 GOL N . 7.33 17.09 -9.65
O2 GOL N . 7.60 16.03 -8.74
C3 GOL N . 8.50 18.07 -9.79
O3 GOL N . 9.52 17.97 -8.77
#